data_6STU
#
_entry.id   6STU
#
_cell.length_a   63.350
_cell.length_b   87.360
_cell.length_c   217.860
_cell.angle_alpha   90.000
_cell.angle_beta   90.000
_cell.angle_gamma   90.000
#
_symmetry.space_group_name_H-M   'P 21 21 21'
#
loop_
_entity.id
_entity.type
_entity.pdbx_description
1 polymer Fiber
2 non-polymer 'GLUTAMIC ACID'
3 non-polymer 1,2-ETHANEDIOL
4 water water
#
_entity_poly.entity_id   1
_entity_poly.type   'polypeptide(L)'
_entity_poly.pdbx_seq_one_letter_code
;VGNKNNDKLTLWTTPDPSPNCKVSEEKDSKLTLVLTKCGSQILASVSLLVVKGKFANINNETNPGEDYKKFSVKLLFDAN
GKLLTGSSLDGNYWNYKNKDSVIGSPYENAVPFMPNSTAYPKIINNGTANPEDKKSAAKKTIVTNVYLGGDAGQPVATTV
SFNKETESNCVYSITFDFAWNKTYKNVPFDSSSLTFSYIAQDAEDKNE
;
_entity_poly.pdbx_strand_id   A,B,C,D,E,F
#
loop_
_chem_comp.id
_chem_comp.type
_chem_comp.name
_chem_comp.formula
EDO non-polymer 1,2-ETHANEDIOL 'C2 H6 O2'
#
# COMPACT_ATOMS: atom_id res chain seq x y z
N LYS A 4 15.85 46.58 -12.81
CA LYS A 4 16.03 46.04 -14.19
C LYS A 4 14.87 45.08 -14.49
N ASN A 5 14.99 43.80 -14.13
CA ASN A 5 13.94 42.75 -14.26
C ASN A 5 13.31 42.49 -12.88
N ASN A 6 13.37 43.47 -11.98
CA ASN A 6 12.98 43.22 -10.56
C ASN A 6 11.47 43.43 -10.42
N ASP A 7 10.81 42.39 -9.89
CA ASP A 7 9.34 42.19 -9.82
C ASP A 7 8.87 42.29 -8.35
N LYS A 8 8.22 43.41 -8.01
CA LYS A 8 7.72 43.72 -6.64
C LYS A 8 6.37 43.03 -6.41
N LEU A 9 5.90 42.19 -7.34
CA LEU A 9 4.66 41.38 -7.18
C LEU A 9 5.01 39.98 -6.70
N THR A 10 6.30 39.68 -6.54
CA THR A 10 6.79 38.38 -5.99
C THR A 10 7.78 38.63 -4.85
N LEU A 11 7.52 38.04 -3.69
CA LEU A 11 8.43 38.03 -2.53
C LEU A 11 8.80 36.58 -2.25
N TRP A 12 10.09 36.22 -2.34
CA TRP A 12 10.49 34.78 -2.31
C TRP A 12 11.91 34.56 -1.76
N THR A 13 12.19 33.28 -1.59
CA THR A 13 13.40 32.64 -1.07
C THR A 13 14.42 32.41 -2.19
N THR A 14 13.99 32.71 -3.42
CA THR A 14 14.52 32.20 -4.72
C THR A 14 13.99 30.78 -4.91
N PRO A 15 13.80 30.34 -6.18
CA PRO A 15 13.25 29.01 -6.45
C PRO A 15 14.19 27.84 -6.14
N ASP A 16 15.50 28.08 -6.12
CA ASP A 16 16.56 27.09 -5.86
C ASP A 16 17.53 27.61 -4.80
N PRO A 17 17.08 27.77 -3.55
CA PRO A 17 17.91 28.38 -2.51
C PRO A 17 19.01 27.44 -1.99
N SER A 18 20.11 28.04 -1.55
CA SER A 18 21.13 27.47 -0.64
C SER A 18 20.48 27.26 0.72
N PRO A 19 21.11 26.51 1.64
CA PRO A 19 20.52 26.34 2.98
C PRO A 19 20.26 27.76 3.51
N ASN A 20 19.03 28.01 3.96
CA ASN A 20 18.50 29.36 4.29
C ASN A 20 17.61 29.27 5.54
N CYS A 21 17.56 28.14 6.24
CA CYS A 21 16.51 27.90 7.26
C CYS A 21 17.05 27.07 8.44
N LYS A 22 16.52 27.34 9.62
CA LYS A 22 16.79 26.59 10.88
C LYS A 22 15.53 25.82 11.30
N VAL A 23 15.59 24.51 11.20
CA VAL A 23 14.60 23.55 11.80
C VAL A 23 15.13 23.13 13.18
N SER A 24 16.34 22.58 13.28
CA SER A 24 17.05 22.20 14.54
C SER A 24 18.24 23.12 14.80
N GLU A 25 19.12 23.26 13.81
CA GLU A 25 20.35 24.10 13.87
C GLU A 25 20.43 25.01 12.64
N GLU A 26 21.32 25.99 12.71
CA GLU A 26 21.60 27.01 11.66
C GLU A 26 21.82 26.34 10.29
N LYS A 27 21.12 26.82 9.25
CA LYS A 27 21.34 26.41 7.83
C LYS A 27 21.29 24.88 7.68
N ASP A 28 20.32 24.22 8.32
CA ASP A 28 20.15 22.75 8.25
C ASP A 28 19.09 22.41 7.20
N SER A 29 18.53 23.42 6.52
CA SER A 29 17.41 23.18 5.59
C SER A 29 17.29 24.27 4.53
N LYS A 30 16.64 23.89 3.42
CA LYS A 30 16.26 24.74 2.29
C LYS A 30 14.73 24.90 2.32
N LEU A 31 14.28 26.09 2.70
CA LEU A 31 12.86 26.50 2.57
C LEU A 31 12.74 27.22 1.24
N THR A 32 11.94 26.69 0.32
CA THR A 32 11.48 27.37 -0.90
C THR A 32 10.06 27.89 -0.65
N LEU A 33 9.93 29.20 -0.47
CA LEU A 33 8.65 29.91 -0.27
C LEU A 33 8.52 31.02 -1.32
N VAL A 34 7.47 30.99 -2.13
CA VAL A 34 7.12 32.04 -3.10
C VAL A 34 5.76 32.65 -2.70
N LEU A 35 5.76 33.94 -2.38
CA LEU A 35 4.56 34.77 -2.18
C LEU A 35 4.35 35.59 -3.45
N THR A 36 3.23 35.38 -4.14
CA THR A 36 2.81 36.12 -5.35
C THR A 36 1.58 36.97 -5.01
N LYS A 37 1.66 38.28 -5.29
CA LYS A 37 0.54 39.19 -4.96
C LYS A 37 -0.49 39.08 -6.08
N CYS A 38 -1.70 38.62 -5.75
CA CYS A 38 -2.91 38.66 -6.60
C CYS A 38 -3.89 39.61 -5.90
N GLY A 39 -3.60 40.92 -5.88
CA GLY A 39 -4.43 41.95 -5.21
C GLY A 39 -4.69 41.68 -3.74
N SER A 40 -5.94 41.45 -3.36
CA SER A 40 -6.41 41.27 -1.96
C SER A 40 -5.92 39.95 -1.38
N GLN A 41 -5.37 39.02 -2.16
CA GLN A 41 -4.84 37.76 -1.60
C GLN A 41 -3.38 37.55 -2.05
N ILE A 42 -2.61 36.86 -1.21
CA ILE A 42 -1.27 36.30 -1.56
C ILE A 42 -1.47 34.84 -1.97
N LEU A 43 -0.94 34.46 -3.14
CA LEU A 43 -0.86 33.08 -3.66
C LEU A 43 0.53 32.57 -3.29
N ALA A 44 0.61 31.48 -2.54
CA ALA A 44 1.84 30.99 -1.92
C ALA A 44 2.07 29.54 -2.33
N SER A 45 3.34 29.22 -2.58
CA SER A 45 3.89 27.85 -2.76
C SER A 45 5.05 27.65 -1.78
N VAL A 46 5.02 26.58 -0.99
CA VAL A 46 6.06 26.25 0.02
C VAL A 46 6.45 24.79 -0.09
N SER A 47 7.75 24.52 0.01
CA SER A 47 8.41 23.20 0.10
C SER A 47 9.60 23.31 1.04
N LEU A 48 9.90 22.26 1.80
CA LEU A 48 10.99 22.24 2.81
C LEU A 48 11.83 20.97 2.60
N LEU A 49 13.11 21.12 2.34
CA LEU A 49 14.08 20.01 2.33
C LEU A 49 15.04 20.25 3.49
N VAL A 50 15.12 19.33 4.45
CA VAL A 50 16.15 19.46 5.51
C VAL A 50 17.33 18.57 5.10
N VAL A 51 18.52 19.17 5.09
CA VAL A 51 19.76 18.60 4.49
C VAL A 51 20.71 18.11 5.58
N LYS A 52 20.56 18.53 6.84
CA LYS A 52 21.32 17.95 7.98
C LYS A 52 20.52 18.05 9.29
N GLY A 53 20.99 17.30 10.29
CA GLY A 53 20.48 17.30 11.67
C GLY A 53 19.42 16.23 11.91
N LYS A 54 18.62 16.52 12.95
CA LYS A 54 17.53 15.68 13.53
C LYS A 54 16.59 15.17 12.44
N PHE A 55 16.24 16.02 11.47
CA PHE A 55 15.13 15.75 10.52
C PHE A 55 15.63 15.47 9.09
N ALA A 56 16.94 15.31 8.86
CA ALA A 56 17.50 15.05 7.51
C ALA A 56 17.24 13.60 7.10
N ASN A 57 17.11 12.71 8.10
CA ASN A 57 16.81 11.28 7.89
C ASN A 57 15.97 10.81 9.08
N ILE A 58 14.66 11.01 9.03
CA ILE A 58 13.72 10.63 10.12
C ILE A 58 13.86 9.12 10.36
N ASN A 59 14.10 8.72 11.59
CA ASN A 59 13.96 7.31 11.99
C ASN A 59 13.36 7.28 13.40
N ASN A 60 12.04 7.12 13.49
CA ASN A 60 11.29 7.13 14.75
C ASN A 60 11.33 5.74 15.41
N GLU A 61 11.95 4.75 14.77
CA GLU A 61 12.24 3.44 15.42
C GLU A 61 13.41 3.66 16.38
N THR A 62 14.46 4.35 15.91
CA THR A 62 15.71 4.57 16.68
C THR A 62 15.56 5.85 17.52
N ASN A 63 14.70 6.79 17.11
CA ASN A 63 14.40 8.04 17.85
C ASN A 63 12.91 8.15 18.09
N PRO A 64 12.33 7.34 19.02
CA PRO A 64 10.90 7.42 19.35
C PRO A 64 10.59 8.75 20.08
N GLY A 65 9.35 9.04 20.43
CA GLY A 65 9.09 10.22 21.26
C GLY A 65 9.20 11.49 20.43
N GLU A 66 8.48 12.47 20.95
CA GLU A 66 7.64 13.30 20.06
C GLU A 66 8.43 14.50 19.62
N ASP A 67 9.60 14.81 20.21
CA ASP A 67 10.48 15.91 19.74
C ASP A 67 11.14 15.53 18.40
N TYR A 68 11.10 14.26 18.00
CA TYR A 68 11.62 13.75 16.71
C TYR A 68 10.47 13.51 15.71
N LYS A 69 9.24 13.91 16.07
CA LYS A 69 8.02 13.69 15.25
C LYS A 69 7.33 15.03 14.95
N LYS A 70 7.93 16.17 15.26
CA LYS A 70 7.35 17.50 14.92
C LYS A 70 8.40 18.60 14.97
N PHE A 71 8.10 19.71 14.31
CA PHE A 71 8.86 20.99 14.41
C PHE A 71 8.08 22.09 13.72
N SER A 72 8.52 23.32 13.90
CA SER A 72 7.85 24.54 13.40
C SER A 72 8.88 25.38 12.65
N VAL A 73 8.45 26.08 11.60
CA VAL A 73 9.27 27.08 10.87
C VAL A 73 8.49 28.39 10.93
N LYS A 74 9.09 29.44 11.48
CA LYS A 74 8.43 30.77 11.72
C LYS A 74 9.08 31.83 10.85
N LEU A 75 8.26 32.63 10.18
CA LEU A 75 8.68 33.93 9.60
C LEU A 75 8.07 35.04 10.43
N LEU A 76 8.91 35.88 11.05
CA LEU A 76 8.50 37.01 11.89
C LEU A 76 8.69 38.29 11.06
N PHE A 77 7.69 39.16 11.00
CA PHE A 77 7.78 40.43 10.24
C PHE A 77 7.50 41.63 11.15
N ASP A 78 8.15 42.76 10.87
CA ASP A 78 7.93 44.05 11.57
C ASP A 78 6.81 44.83 10.87
N ALA A 79 6.52 46.02 11.34
CA ALA A 79 5.46 46.95 10.84
C ALA A 79 5.60 47.15 9.33
N ASN A 80 6.83 47.10 8.80
CA ASN A 80 7.12 47.38 7.36
C ASN A 80 7.21 46.08 6.56
N GLY A 81 6.99 44.93 7.18
CA GLY A 81 7.01 43.63 6.50
C GLY A 81 8.40 43.07 6.32
N LYS A 82 9.40 43.66 6.98
CA LYS A 82 10.80 43.16 6.96
C LYS A 82 10.90 41.95 7.89
N LEU A 83 11.73 40.99 7.50
CA LEU A 83 11.99 39.71 8.20
C LEU A 83 12.79 40.04 9.46
N LEU A 84 12.32 39.63 10.65
CA LEU A 84 13.05 39.87 11.93
C LEU A 84 13.95 38.67 12.24
N THR A 85 14.95 38.90 13.07
CA THR A 85 16.12 38.01 13.26
C THR A 85 15.71 36.65 13.87
N GLY A 86 14.80 36.62 14.85
CA GLY A 86 14.31 35.37 15.47
C GLY A 86 13.65 34.42 14.48
N SER A 87 13.49 34.79 13.20
CA SER A 87 12.85 33.94 12.17
C SER A 87 13.70 32.67 11.94
N SER A 88 13.06 31.57 11.61
CA SER A 88 13.70 30.32 11.14
C SER A 88 14.45 30.59 9.83
N LEU A 89 13.85 31.38 8.94
CA LEU A 89 14.38 31.76 7.62
C LEU A 89 15.45 32.85 7.76
N ASP A 90 16.60 32.66 7.13
CA ASP A 90 17.65 33.69 6.99
C ASP A 90 17.21 34.68 5.91
N GLY A 91 17.50 35.96 6.08
CA GLY A 91 16.96 37.07 5.26
C GLY A 91 17.86 37.42 4.09
N ASN A 92 18.98 36.75 3.93
CA ASN A 92 20.02 37.16 2.96
C ASN A 92 19.43 37.04 1.55
N TYR A 93 18.67 35.97 1.26
CA TYR A 93 18.07 35.70 -0.07
C TYR A 93 16.56 35.54 0.15
N TRP A 94 16.00 36.32 1.08
CA TRP A 94 14.54 36.59 1.21
C TRP A 94 14.30 38.02 0.75
N ASN A 95 13.73 38.20 -0.44
CA ASN A 95 13.65 39.51 -1.11
C ASN A 95 12.70 39.41 -2.30
N TYR A 96 12.36 40.57 -2.87
CA TYR A 96 11.63 40.69 -4.15
C TYR A 96 12.45 40.02 -5.26
N LYS A 97 11.76 39.45 -6.24
CA LYS A 97 12.29 38.66 -7.37
C LYS A 97 13.04 39.56 -8.34
N ASN A 98 14.13 39.03 -8.88
CA ASN A 98 14.83 39.54 -10.10
C ASN A 98 15.37 38.31 -10.83
N LYS A 99 14.69 37.87 -11.89
CA LYS A 99 15.08 36.80 -12.85
C LYS A 99 15.72 35.54 -12.19
N ASP A 100 14.98 34.84 -11.32
CA ASP A 100 15.39 33.53 -10.71
C ASP A 100 16.27 33.77 -9.47
N SER A 101 16.60 35.03 -9.18
CA SER A 101 17.35 35.45 -7.97
C SER A 101 16.57 36.56 -7.24
N VAL A 102 17.28 37.38 -6.46
CA VAL A 102 16.70 38.50 -5.66
C VAL A 102 17.23 39.83 -6.21
N ILE A 103 16.60 40.95 -5.82
CA ILE A 103 17.06 42.33 -6.16
C ILE A 103 18.39 42.60 -5.42
N GLY A 104 19.19 43.56 -5.93
CA GLY A 104 20.54 43.92 -5.45
C GLY A 104 20.60 44.33 -3.97
N SER A 105 19.53 44.95 -3.45
CA SER A 105 19.45 45.58 -2.11
C SER A 105 18.30 44.98 -1.31
N PRO A 106 18.41 44.92 0.04
CA PRO A 106 17.29 44.43 0.87
C PRO A 106 16.06 45.34 0.71
N TYR A 107 14.87 44.77 0.74
CA TYR A 107 13.61 45.54 0.59
C TYR A 107 13.35 46.37 1.85
N GLU A 108 12.74 47.53 1.66
CA GLU A 108 12.42 48.49 2.74
C GLU A 108 11.01 48.20 3.27
N ASN A 109 10.07 47.75 2.41
CA ASN A 109 8.62 47.62 2.70
C ASN A 109 8.03 46.43 1.93
N ALA A 110 7.30 45.55 2.61
CA ALA A 110 6.54 44.43 2.01
C ALA A 110 5.21 44.24 2.78
N VAL A 111 4.64 45.34 3.27
CA VAL A 111 3.36 45.34 4.03
C VAL A 111 2.31 44.62 3.19
N PRO A 112 2.17 44.93 1.86
CA PRO A 112 1.14 44.32 1.04
C PRO A 112 1.26 42.79 0.90
N PHE A 113 2.32 42.19 1.41
CA PHE A 113 2.51 40.71 1.38
C PHE A 113 2.12 40.11 2.73
N MET A 114 1.82 40.96 3.69
CA MET A 114 1.63 40.51 5.11
C MET A 114 0.21 40.01 5.30
N PRO A 115 -0.01 39.03 6.18
CA PRO A 115 -1.36 38.54 6.45
C PRO A 115 -2.18 39.64 7.16
N ASN A 116 -3.37 39.92 6.63
CA ASN A 116 -4.30 41.00 7.07
C ASN A 116 -4.51 40.93 8.59
N SER A 117 -4.25 42.05 9.31
CA SER A 117 -4.37 42.18 10.80
C SER A 117 -5.81 41.98 11.24
N THR A 118 -6.75 42.48 10.43
CA THR A 118 -8.22 42.44 10.69
C THR A 118 -8.74 40.99 10.54
N ALA A 119 -8.31 40.29 9.50
CA ALA A 119 -8.74 38.92 9.17
C ALA A 119 -8.07 37.95 10.16
N TYR A 120 -6.80 38.22 10.44
CA TYR A 120 -5.91 37.37 11.27
C TYR A 120 -5.34 38.25 12.38
N PRO A 121 -6.14 38.59 13.41
CA PRO A 121 -5.65 39.38 14.53
C PRO A 121 -4.70 38.57 15.43
N LYS A 122 -3.71 39.25 16.02
CA LYS A 122 -2.57 38.62 16.73
C LYS A 122 -3.11 37.84 17.92
N ILE A 123 -4.06 38.42 18.65
CA ILE A 123 -4.55 37.80 19.91
C ILE A 123 -6.06 37.70 19.77
N ILE A 124 -6.59 36.47 19.68
CA ILE A 124 -8.02 36.15 19.88
C ILE A 124 -8.22 35.62 21.31
N ASN A 125 -9.08 36.30 22.05
CA ASN A 125 -9.52 35.95 23.42
C ASN A 125 -10.92 36.52 23.57
N ASN A 126 -11.92 35.72 23.21
CA ASN A 126 -13.35 36.09 23.20
C ASN A 126 -13.83 36.03 24.64
N GLY A 127 -14.31 37.09 25.20
CA GLY A 127 -14.44 36.95 26.65
C GLY A 127 -15.63 36.07 26.97
N THR A 128 -16.34 36.64 27.93
CA THR A 128 -17.79 36.68 28.03
C THR A 128 -18.34 37.65 26.97
N ALA A 129 -17.57 38.04 25.94
CA ALA A 129 -18.02 38.85 24.79
C ALA A 129 -19.30 38.23 24.21
N ASN A 130 -20.18 39.06 23.64
CA ASN A 130 -21.44 38.63 23.00
C ASN A 130 -21.12 37.82 21.75
N PRO A 131 -21.93 36.79 21.42
CA PRO A 131 -21.67 35.96 20.23
C PRO A 131 -21.33 36.78 18.98
N GLU A 132 -22.10 37.83 18.70
CA GLU A 132 -21.93 38.70 17.50
C GLU A 132 -20.53 39.30 17.45
N ASP A 133 -19.87 39.45 18.61
CA ASP A 133 -18.53 40.11 18.75
C ASP A 133 -17.39 39.09 18.74
N LYS A 134 -17.70 37.80 18.71
CA LYS A 134 -16.70 36.68 18.73
C LYS A 134 -15.86 36.70 17.46
N LYS A 135 -14.56 36.47 17.60
CA LYS A 135 -13.56 36.43 16.49
C LYS A 135 -13.10 34.98 16.27
N SER A 136 -12.53 34.67 15.11
CA SER A 136 -12.24 33.28 14.69
C SER A 136 -10.78 32.92 14.96
N ALA A 137 -10.54 31.95 15.85
CA ALA A 137 -9.24 31.32 16.12
C ALA A 137 -8.78 30.55 14.87
N ALA A 138 -9.70 29.78 14.26
CA ALA A 138 -9.42 28.79 13.18
C ALA A 138 -9.08 29.51 11.87
N LYS A 139 -9.70 30.66 11.62
CA LYS A 139 -9.53 31.44 10.37
C LYS A 139 -8.06 31.77 10.10
N LYS A 140 -7.25 31.99 11.14
CA LYS A 140 -5.78 32.29 11.07
C LYS A 140 -5.00 31.04 10.67
N THR A 141 -5.69 29.96 10.39
CA THR A 141 -5.16 28.58 10.35
C THR A 141 -5.52 27.96 9.01
N ILE A 142 -4.56 27.28 8.38
CA ILE A 142 -4.83 26.32 7.26
C ILE A 142 -4.29 24.97 7.73
N VAL A 143 -5.09 23.93 7.69
CA VAL A 143 -4.71 22.57 8.19
C VAL A 143 -4.86 21.58 7.04
N THR A 144 -3.79 20.89 6.73
CA THR A 144 -3.64 20.12 5.47
C THR A 144 -2.46 19.16 5.66
N ASN A 145 -2.08 18.42 4.63
CA ASN A 145 -0.95 17.47 4.68
C ASN A 145 0.01 17.81 3.55
N VAL A 146 1.31 17.66 3.79
CA VAL A 146 2.33 17.52 2.73
C VAL A 146 2.82 16.07 2.79
N TYR A 147 3.59 15.63 1.80
CA TYR A 147 3.98 14.20 1.66
C TYR A 147 5.48 14.12 1.41
N LEU A 148 6.17 13.40 2.29
CA LEU A 148 7.64 13.23 2.24
C LEU A 148 8.03 12.38 1.03
N GLY A 149 9.00 12.86 0.23
CA GLY A 149 9.48 12.19 -0.98
C GLY A 149 8.43 12.18 -2.09
N GLY A 150 7.41 13.02 -1.92
CA GLY A 150 6.24 13.03 -2.83
C GLY A 150 5.53 11.70 -2.81
N ASP A 151 5.58 10.97 -1.69
CA ASP A 151 4.97 9.63 -1.55
C ASP A 151 3.67 9.79 -0.79
N ALA A 152 2.56 9.33 -1.37
CA ALA A 152 1.20 9.47 -0.79
C ALA A 152 1.06 8.68 0.52
N GLY A 153 1.97 7.72 0.78
CA GLY A 153 1.98 6.89 2.00
C GLY A 153 2.81 7.51 3.12
N GLN A 154 3.33 8.73 2.93
CA GLN A 154 4.21 9.41 3.92
C GLN A 154 3.64 10.79 4.24
N PRO A 155 2.42 10.87 4.81
CA PRO A 155 1.81 12.16 5.12
C PRO A 155 2.44 12.85 6.32
N VAL A 156 2.39 14.18 6.32
CA VAL A 156 2.83 15.08 7.42
C VAL A 156 1.75 16.15 7.63
N ALA A 157 1.06 16.09 8.77
CA ALA A 157 0.05 17.08 9.20
C ALA A 157 0.74 18.43 9.21
N THR A 158 0.24 19.39 8.45
CA THR A 158 0.86 20.71 8.22
C THR A 158 -0.17 21.76 8.59
N THR A 159 0.18 22.69 9.47
CA THR A 159 -0.67 23.85 9.82
C THR A 159 0.08 25.11 9.39
N VAL A 160 -0.51 25.87 8.47
CA VAL A 160 -0.05 27.25 8.17
C VAL A 160 -0.87 28.19 9.07
N SER A 161 -0.21 29.00 9.90
CA SER A 161 -0.88 29.97 10.80
C SER A 161 -0.43 31.39 10.46
N PHE A 162 -1.35 32.34 10.48
CA PHE A 162 -1.09 33.78 10.17
C PHE A 162 -1.21 34.60 11.45
N ASN A 163 -0.17 35.39 11.74
CA ASN A 163 -0.15 36.38 12.85
C ASN A 163 -0.39 35.66 14.18
N LYS A 164 0.16 34.48 14.34
CA LYS A 164 0.09 33.63 15.57
C LYS A 164 1.26 33.98 16.51
N GLU A 165 2.37 34.53 15.99
CA GLU A 165 3.64 34.71 16.72
C GLU A 165 3.65 36.10 17.38
N THR A 166 4.35 36.21 18.51
CA THR A 166 4.57 37.44 19.30
C THR A 166 6.07 37.71 19.46
N GLU A 167 6.91 36.76 19.07
CA GLU A 167 8.39 36.75 19.24
C GLU A 167 9.00 37.98 18.54
N SER A 168 10.07 38.53 19.07
CA SER A 168 10.76 39.76 18.56
C SER A 168 9.78 40.93 18.38
N ASN A 169 8.70 40.99 19.18
CA ASN A 169 7.64 42.03 19.06
C ASN A 169 7.18 42.15 17.61
N CYS A 170 6.99 41.02 16.92
CA CYS A 170 6.58 41.00 15.50
C CYS A 170 5.16 41.53 15.40
N VAL A 171 4.79 42.14 14.25
CA VAL A 171 3.41 42.63 14.04
C VAL A 171 2.69 41.63 13.13
N TYR A 172 3.41 40.97 12.22
CA TYR A 172 2.88 39.92 11.34
C TYR A 172 3.74 38.67 11.44
N SER A 173 3.18 37.51 11.08
CA SER A 173 3.96 36.25 11.07
C SER A 173 3.29 35.23 10.14
N ILE A 174 4.11 34.32 9.60
CA ILE A 174 3.64 33.08 8.95
C ILE A 174 4.38 31.93 9.63
N THR A 175 3.64 30.97 10.18
CA THR A 175 4.17 29.78 10.88
C THR A 175 3.81 28.52 10.09
N PHE A 176 4.75 27.63 9.87
CA PHE A 176 4.55 26.26 9.32
C PHE A 176 4.82 25.26 10.44
N ASP A 177 3.81 24.59 10.95
CA ASP A 177 3.94 23.52 11.97
C ASP A 177 3.83 22.18 11.25
N PHE A 178 4.78 21.30 11.42
CA PHE A 178 4.77 19.95 10.80
C PHE A 178 4.74 18.92 11.93
N ALA A 179 4.00 17.84 11.74
CA ALA A 179 3.89 16.75 12.73
C ALA A 179 3.40 15.49 12.04
N TRP A 180 3.78 14.32 12.58
CA TRP A 180 3.39 13.02 11.99
C TRP A 180 3.26 11.99 13.11
N ASN A 181 2.37 11.02 12.93
CA ASN A 181 2.11 9.92 13.90
C ASN A 181 2.76 8.62 13.40
N LYS A 182 2.84 8.43 12.09
CA LYS A 182 3.52 7.30 11.43
C LYS A 182 4.95 7.19 12.01
N THR A 183 5.50 5.98 12.15
CA THR A 183 6.87 5.84 12.68
C THR A 183 7.75 5.58 11.45
N TYR A 184 8.26 6.66 10.83
CA TYR A 184 9.02 6.64 9.56
C TYR A 184 10.42 6.06 9.80
N LYS A 185 10.87 5.18 8.89
CA LYS A 185 12.20 4.52 8.96
C LYS A 185 13.07 5.03 7.81
N ASN A 186 13.97 5.97 8.12
CA ASN A 186 14.96 6.54 7.17
C ASN A 186 14.21 7.22 6.02
N VAL A 187 13.48 8.28 6.38
CA VAL A 187 12.74 9.16 5.43
C VAL A 187 13.25 10.58 5.63
N PRO A 188 14.02 11.13 4.67
CA PRO A 188 14.37 12.55 4.75
C PRO A 188 13.10 13.40 4.82
N PHE A 189 13.11 14.45 5.64
CA PHE A 189 12.08 15.51 5.56
C PHE A 189 12.31 16.31 4.27
N ASP A 190 11.63 15.88 3.21
CA ASP A 190 11.62 16.48 1.85
C ASP A 190 10.15 16.56 1.41
N SER A 191 9.52 17.70 1.64
CA SER A 191 8.05 17.88 1.56
C SER A 191 7.64 18.15 0.10
N SER A 192 6.55 17.53 -0.34
CA SER A 192 5.82 17.91 -1.57
C SER A 192 5.43 19.40 -1.47
N SER A 193 5.27 20.10 -2.59
CA SER A 193 4.87 21.52 -2.58
C SER A 193 3.41 21.66 -2.10
N LEU A 194 3.15 22.69 -1.32
CA LEU A 194 1.82 23.05 -0.79
C LEU A 194 1.42 24.42 -1.36
N THR A 195 0.33 24.48 -2.12
CA THR A 195 -0.32 25.75 -2.54
C THR A 195 -1.26 26.21 -1.40
N PHE A 196 -1.25 27.50 -1.07
CA PHE A 196 -2.21 28.13 -0.14
C PHE A 196 -2.32 29.64 -0.46
N SER A 197 -3.36 30.27 0.08
CA SER A 197 -3.59 31.71 -0.06
C SER A 197 -3.96 32.28 1.30
N TYR A 198 -3.74 33.57 1.49
CA TYR A 198 -4.21 34.33 2.66
C TYR A 198 -4.59 35.73 2.20
N ILE A 199 -5.46 36.36 2.96
CA ILE A 199 -5.93 37.74 2.73
C ILE A 199 -4.78 38.68 3.06
N ALA A 200 -4.51 39.64 2.18
CA ALA A 200 -3.33 40.54 2.29
C ALA A 200 -3.70 41.78 3.11
N GLN A 201 -2.76 42.27 3.90
CA GLN A 201 -2.78 43.64 4.48
C GLN A 201 -2.74 44.65 3.33
N ASP A 202 -3.50 45.75 3.44
CA ASP A 202 -3.41 46.91 2.51
C ASP A 202 -2.11 47.69 2.74
N ALA A 203 -1.56 48.27 1.65
CA ALA A 203 -0.53 49.31 1.67
C ALA A 203 -0.97 50.47 2.57
N GLU A 204 0.01 51.06 3.26
CA GLU A 204 -0.09 52.27 4.11
C GLU A 204 -0.63 53.46 3.30
N ASP A 205 -1.32 54.38 3.97
CA ASP A 205 -1.61 55.79 3.54
C ASP A 205 -2.58 55.73 2.35
N LYS A 206 -2.21 56.26 1.17
CA LYS A 206 -3.08 56.47 -0.02
C LYS A 206 -3.13 55.19 -0.89
N ASN A 207 -3.75 54.12 -0.35
CA ASN A 207 -3.98 52.79 -0.99
C ASN A 207 -5.42 52.74 -1.52
N ASN B 6 -6.83 46.18 -7.31
CA ASN B 6 -7.01 45.59 -5.93
C ASN B 6 -8.47 45.74 -5.48
N ASP B 7 -9.22 46.72 -6.03
CA ASP B 7 -10.54 47.17 -5.51
C ASP B 7 -11.72 46.60 -6.33
N LYS B 8 -11.81 46.81 -7.65
CA LYS B 8 -12.81 46.15 -8.54
C LYS B 8 -12.38 44.70 -8.86
N LEU B 9 -11.20 44.30 -8.38
CA LEU B 9 -10.60 42.95 -8.60
C LEU B 9 -10.86 42.07 -7.37
N THR B 10 -11.53 42.60 -6.35
CA THR B 10 -11.92 41.84 -5.13
C THR B 10 -13.40 42.02 -4.82
N LEU B 11 -14.12 40.90 -4.70
CA LEU B 11 -15.54 40.86 -4.27
C LEU B 11 -15.57 40.05 -2.98
N TRP B 12 -16.01 40.64 -1.87
CA TRP B 12 -15.86 39.99 -0.54
C TRP B 12 -16.94 40.43 0.47
N THR B 13 -16.89 39.73 1.61
CA THR B 13 -17.76 39.78 2.80
C THR B 13 -17.24 40.84 3.76
N THR B 14 -16.06 41.40 3.43
CA THR B 14 -15.07 42.09 4.30
C THR B 14 -14.30 41.01 5.09
N PRO B 15 -13.03 41.30 5.43
CA PRO B 15 -12.20 40.32 6.14
C PRO B 15 -12.56 40.08 7.60
N ASP B 16 -13.24 41.03 8.24
CA ASP B 16 -13.68 40.92 9.66
C ASP B 16 -15.17 41.26 9.78
N PRO B 17 -16.05 40.44 9.19
CA PRO B 17 -17.47 40.77 9.11
C PRO B 17 -18.21 40.63 10.44
N SER B 18 -19.27 41.43 10.58
CA SER B 18 -20.36 41.17 11.56
C SER B 18 -21.08 39.88 11.19
N PRO B 19 -21.92 39.31 12.06
CA PRO B 19 -22.75 38.18 11.65
C PRO B 19 -23.45 38.60 10.34
N ASN B 20 -23.30 37.76 9.30
CA ASN B 20 -23.69 38.09 7.91
C ASN B 20 -24.32 36.86 7.24
N CYS B 21 -24.60 35.78 7.98
CA CYS B 21 -24.88 34.45 7.36
C CYS B 21 -25.88 33.66 8.19
N LYS B 22 -26.73 32.88 7.51
CA LYS B 22 -27.72 31.95 8.10
C LYS B 22 -27.28 30.51 7.84
N VAL B 23 -26.88 29.81 8.90
CA VAL B 23 -26.70 28.34 8.92
C VAL B 23 -28.02 27.70 9.39
N SER B 24 -28.53 28.07 10.58
CA SER B 24 -29.83 27.60 11.16
C SER B 24 -30.84 28.76 11.22
N GLU B 25 -30.43 29.90 11.78
CA GLU B 25 -31.26 31.12 11.92
C GLU B 25 -30.49 32.34 11.41
N GLU B 26 -31.20 33.44 11.18
CA GLU B 26 -30.69 34.72 10.64
C GLU B 26 -29.49 35.17 11.49
N LYS B 27 -28.39 35.57 10.83
CA LYS B 27 -27.21 36.21 11.46
C LYS B 27 -26.68 35.37 12.62
N ASP B 28 -26.61 34.04 12.47
CA ASP B 28 -26.10 33.12 13.51
C ASP B 28 -24.63 32.80 13.19
N SER B 29 -24.05 33.39 12.14
CA SER B 29 -22.67 33.04 11.74
C SER B 29 -22.01 34.18 10.95
N LYS B 30 -20.67 34.11 10.95
CA LYS B 30 -19.75 34.99 10.19
C LYS B 30 -19.13 34.13 9.08
N LEU B 31 -19.55 34.38 7.84
CA LEU B 31 -18.87 33.85 6.64
C LEU B 31 -17.88 34.92 6.20
N THR B 32 -16.60 34.59 6.19
CA THR B 32 -15.51 35.34 5.51
C THR B 32 -15.26 34.65 4.16
N LEU B 33 -15.67 35.30 3.09
CA LEU B 33 -15.43 34.86 1.70
C LEU B 33 -14.77 36.00 0.94
N VAL B 34 -13.56 35.76 0.41
CA VAL B 34 -12.86 36.73 -0.48
C VAL B 34 -12.70 36.09 -1.85
N LEU B 35 -13.32 36.70 -2.87
CA LEU B 35 -13.16 36.34 -4.30
C LEU B 35 -12.22 37.37 -4.92
N THR B 36 -11.06 36.92 -5.37
CA THR B 36 -10.02 37.76 -6.04
C THR B 36 -9.93 37.33 -7.50
N LYS B 37 -10.10 38.28 -8.43
CA LYS B 37 -10.04 37.99 -9.87
C LYS B 37 -8.58 37.91 -10.28
N CYS B 38 -8.14 36.72 -10.75
CA CYS B 38 -6.83 36.49 -11.43
C CYS B 38 -7.17 36.11 -12.88
N GLY B 39 -7.67 37.07 -13.67
CA GLY B 39 -8.15 36.85 -15.07
C GLY B 39 -9.18 35.73 -15.20
N SER B 40 -8.82 34.64 -15.89
CA SER B 40 -9.69 33.50 -16.24
C SER B 40 -10.10 32.71 -14.99
N GLN B 41 -9.45 32.87 -13.85
CA GLN B 41 -9.88 32.14 -12.61
C GLN B 41 -10.16 33.14 -11.48
N ILE B 42 -11.07 32.77 -10.58
CA ILE B 42 -11.27 33.43 -9.26
C ILE B 42 -10.45 32.65 -8.22
N LEU B 43 -9.63 33.36 -7.44
CA LEU B 43 -8.91 32.85 -6.25
C LEU B 43 -9.75 33.19 -5.04
N ALA B 44 -10.12 32.18 -4.26
CA ALA B 44 -11.07 32.30 -3.15
C ALA B 44 -10.42 31.80 -1.84
N SER B 45 -10.76 32.49 -0.74
CA SER B 45 -10.51 32.07 0.65
C SER B 45 -11.86 32.10 1.40
N VAL B 46 -12.21 31.01 2.07
CA VAL B 46 -13.49 30.90 2.83
C VAL B 46 -13.20 30.31 4.22
N SER B 47 -13.84 30.91 5.23
CA SER B 47 -13.84 30.51 6.64
C SER B 47 -15.22 30.82 7.24
N LEU B 48 -15.72 29.97 8.13
CA LEU B 48 -17.08 30.07 8.69
C LEU B 48 -16.97 29.91 10.21
N LEU B 49 -17.36 30.95 10.95
CA LEU B 49 -17.56 30.86 12.42
C LEU B 49 -19.04 30.95 12.70
N VAL B 50 -19.64 29.94 13.32
CA VAL B 50 -21.06 30.09 13.77
C VAL B 50 -21.04 30.48 15.25
N VAL B 51 -21.74 31.56 15.56
CA VAL B 51 -21.68 32.28 16.86
C VAL B 51 -22.93 31.99 17.70
N LYS B 52 -24.03 31.50 17.13
CA LYS B 52 -25.21 31.04 17.91
C LYS B 52 -26.00 29.96 17.17
N GLY B 53 -26.88 29.27 17.89
CA GLY B 53 -27.80 28.22 17.38
C GLY B 53 -27.20 26.81 17.47
N LYS B 54 -27.77 25.95 16.62
CA LYS B 54 -27.54 24.49 16.47
C LYS B 54 -26.04 24.18 16.38
N PHE B 55 -25.27 24.98 15.64
CA PHE B 55 -23.88 24.63 15.25
C PHE B 55 -22.84 25.51 15.96
N ALA B 56 -23.23 26.32 16.95
CA ALA B 56 -22.29 27.21 17.70
C ALA B 56 -21.49 26.38 18.70
N ASN B 57 -22.05 25.24 19.12
CA ASN B 57 -21.43 24.31 20.08
C ASN B 57 -21.96 22.90 19.78
N ILE B 58 -21.38 22.26 18.76
CA ILE B 58 -21.82 20.93 18.26
C ILE B 58 -21.70 19.95 19.40
N ASN B 59 -22.76 19.19 19.69
CA ASN B 59 -22.68 18.03 20.60
C ASN B 59 -23.56 16.92 20.04
N ASN B 60 -22.95 15.99 19.30
CA ASN B 60 -23.66 14.89 18.59
C ASN B 60 -23.90 13.72 19.55
N GLU B 61 -23.43 13.81 20.80
CA GLU B 61 -23.82 12.82 21.84
C GLU B 61 -25.25 13.17 22.28
N THR B 62 -25.53 14.45 22.52
CA THR B 62 -26.83 14.95 23.05
C THR B 62 -27.77 15.22 21.87
N ASN B 63 -27.23 15.49 20.67
CA ASN B 63 -28.01 15.71 19.43
C ASN B 63 -27.52 14.75 18.35
N PRO B 64 -27.82 13.42 18.45
CA PRO B 64 -27.29 12.43 17.52
C PRO B 64 -27.81 12.50 16.09
N GLY B 65 -28.96 13.10 15.84
CA GLY B 65 -29.59 13.11 14.51
C GLY B 65 -28.68 13.63 13.40
N GLU B 66 -29.02 13.36 12.15
CA GLU B 66 -28.18 13.63 10.97
C GLU B 66 -28.26 15.12 10.60
N ASP B 67 -29.34 15.79 11.00
CA ASP B 67 -29.57 17.23 10.75
C ASP B 67 -28.64 18.07 11.64
N TYR B 68 -27.99 17.45 12.64
CA TYR B 68 -27.00 18.09 13.55
C TYR B 68 -25.56 17.75 13.14
N LYS B 69 -25.38 17.07 12.01
CA LYS B 69 -24.03 16.62 11.54
C LYS B 69 -23.74 17.11 10.13
N LYS B 70 -24.59 17.99 9.59
CA LYS B 70 -24.35 18.65 8.31
C LYS B 70 -25.17 19.94 8.19
N PHE B 71 -24.75 20.80 7.27
CA PHE B 71 -25.55 21.96 6.81
C PHE B 71 -24.88 22.52 5.57
N SER B 72 -25.62 23.39 4.90
CA SER B 72 -25.20 23.99 3.62
C SER B 72 -25.28 25.52 3.72
N VAL B 73 -24.38 26.22 3.08
CA VAL B 73 -24.43 27.70 2.94
C VAL B 73 -24.45 27.98 1.43
N LYS B 74 -25.49 28.65 0.94
CA LYS B 74 -25.69 28.94 -0.51
C LYS B 74 -25.55 30.44 -0.78
N LEU B 75 -24.80 30.77 -1.82
CA LEU B 75 -24.83 32.11 -2.47
C LEU B 75 -25.53 31.96 -3.82
N LEU B 76 -26.65 32.63 -4.00
CA LEU B 76 -27.47 32.63 -5.23
C LEU B 76 -27.19 33.95 -5.96
N PHE B 77 -26.87 33.92 -7.25
CA PHE B 77 -26.60 35.14 -8.05
C PHE B 77 -27.54 35.21 -9.24
N ASP B 78 -27.92 36.45 -9.63
CA ASP B 78 -28.76 36.73 -10.81
C ASP B 78 -27.85 36.90 -12.03
N ALA B 79 -28.44 37.19 -13.19
CA ALA B 79 -27.75 37.34 -14.49
C ALA B 79 -26.61 38.37 -14.38
N ASN B 80 -26.71 39.34 -13.48
CA ASN B 80 -25.70 40.43 -13.33
C ASN B 80 -24.71 40.13 -12.20
N GLY B 81 -24.84 38.98 -11.56
CA GLY B 81 -23.92 38.55 -10.49
C GLY B 81 -24.30 39.15 -9.16
N LYS B 82 -25.48 39.77 -9.04
CA LYS B 82 -26.00 40.32 -7.75
C LYS B 82 -26.50 39.16 -6.88
N LEU B 83 -26.29 39.27 -5.57
CA LEU B 83 -26.67 38.27 -4.54
C LEU B 83 -28.19 38.31 -4.41
N LEU B 84 -28.86 37.16 -4.54
CA LEU B 84 -30.35 37.09 -4.42
C LEU B 84 -30.73 36.77 -2.98
N THR B 85 -31.97 37.09 -2.62
CA THR B 85 -32.46 37.18 -1.22
C THR B 85 -32.48 35.79 -0.54
N GLY B 86 -32.88 34.73 -1.24
CA GLY B 86 -32.84 33.36 -0.68
C GLY B 86 -31.45 32.88 -0.24
N SER B 87 -30.39 33.67 -0.48
CA SER B 87 -29.00 33.29 -0.10
C SER B 87 -28.87 33.18 1.41
N SER B 88 -28.00 32.30 1.87
CA SER B 88 -27.55 32.19 3.28
C SER B 88 -26.84 33.49 3.71
N LEU B 89 -26.02 34.05 2.83
CA LEU B 89 -25.24 35.29 3.08
C LEU B 89 -26.14 36.52 2.89
N ASP B 90 -26.13 37.43 3.85
CA ASP B 90 -26.80 38.75 3.73
C ASP B 90 -25.94 39.65 2.82
N GLY B 91 -26.56 40.48 1.99
CA GLY B 91 -25.87 41.25 0.93
C GLY B 91 -25.39 42.62 1.41
N ASN B 92 -25.64 42.98 2.67
CA ASN B 92 -25.41 44.35 3.17
C ASN B 92 -23.92 44.67 3.06
N TYR B 93 -23.05 43.71 3.42
CA TYR B 93 -21.57 43.88 3.42
C TYR B 93 -20.95 42.86 2.45
N TRP B 94 -21.69 42.51 1.40
CA TRP B 94 -21.19 41.71 0.25
C TRP B 94 -21.09 42.65 -0.95
N ASN B 95 -19.86 43.04 -1.31
CA ASN B 95 -19.62 44.14 -2.27
C ASN B 95 -18.12 44.15 -2.63
N TYR B 96 -17.77 44.93 -3.63
CA TYR B 96 -16.38 45.22 -4.01
C TYR B 96 -15.66 45.89 -2.84
N LYS B 97 -14.35 45.64 -2.74
CA LYS B 97 -13.45 46.07 -1.65
C LYS B 97 -13.20 47.57 -1.73
N ASN B 98 -13.14 48.20 -0.56
CA ASN B 98 -12.58 49.54 -0.32
C ASN B 98 -11.86 49.48 1.03
N LYS B 99 -10.50 49.41 1.00
CA LYS B 99 -9.62 49.21 2.18
C LYS B 99 -10.12 47.91 2.83
N ASP B 100 -10.41 47.88 4.13
CA ASP B 100 -10.81 46.59 4.78
C ASP B 100 -12.33 46.53 4.89
N SER B 101 -13.02 47.37 4.10
CA SER B 101 -14.51 47.49 4.09
C SER B 101 -15.03 47.33 2.66
N VAL B 102 -16.23 47.87 2.42
CA VAL B 102 -16.95 47.75 1.12
C VAL B 102 -17.12 49.16 0.52
N ILE B 103 -17.42 49.24 -0.77
CA ILE B 103 -17.75 50.51 -1.50
C ILE B 103 -19.08 51.08 -0.95
N GLY B 104 -19.26 52.40 -1.10
CA GLY B 104 -20.41 53.18 -0.56
C GLY B 104 -21.77 52.70 -1.07
N SER B 105 -21.86 52.17 -2.29
CA SER B 105 -23.13 51.81 -2.99
C SER B 105 -23.11 50.33 -3.37
N PRO B 106 -24.28 49.64 -3.45
CA PRO B 106 -24.33 48.26 -3.92
C PRO B 106 -23.82 48.16 -5.36
N TYR B 107 -23.11 47.07 -5.70
CA TYR B 107 -22.57 46.86 -7.06
C TYR B 107 -23.73 46.53 -8.01
N GLU B 108 -23.57 46.93 -9.27
CA GLU B 108 -24.57 46.72 -10.34
C GLU B 108 -24.26 45.40 -11.07
N ASN B 109 -22.98 45.04 -11.23
CA ASN B 109 -22.51 43.90 -12.07
C ASN B 109 -21.26 43.26 -11.45
N ALA B 110 -21.27 41.93 -11.32
CA ALA B 110 -20.11 41.12 -10.87
C ALA B 110 -20.10 39.79 -11.64
N VAL B 111 -20.55 39.81 -12.89
CA VAL B 111 -20.57 38.63 -13.80
C VAL B 111 -19.16 38.04 -13.85
N PRO B 112 -18.08 38.84 -14.02
CA PRO B 112 -16.73 38.29 -14.11
C PRO B 112 -16.26 37.56 -12.86
N PHE B 113 -17.02 37.58 -11.77
CA PHE B 113 -16.68 36.83 -10.53
C PHE B 113 -17.47 35.53 -10.48
N MET B 114 -18.38 35.32 -11.42
CA MET B 114 -19.35 34.20 -11.37
C MET B 114 -18.68 32.94 -11.93
N PRO B 115 -19.06 31.74 -11.45
CA PRO B 115 -18.52 30.50 -11.98
C PRO B 115 -19.00 30.29 -13.42
N ASN B 116 -18.06 30.00 -14.32
CA ASN B 116 -18.27 29.89 -15.78
C ASN B 116 -19.43 28.93 -16.08
N SER B 117 -20.42 29.37 -16.87
CA SER B 117 -21.66 28.61 -17.24
C SER B 117 -21.28 27.39 -18.07
N THR B 118 -20.27 27.55 -18.94
CA THR B 118 -19.77 26.52 -19.89
C THR B 118 -19.04 25.40 -19.14
N ALA B 119 -18.19 25.76 -18.17
CA ALA B 119 -17.37 24.83 -17.37
C ALA B 119 -18.29 24.15 -16.36
N TYR B 120 -19.19 24.93 -15.76
CA TYR B 120 -20.10 24.53 -14.65
C TYR B 120 -21.53 24.82 -15.09
N PRO B 121 -22.11 24.01 -16.01
CA PRO B 121 -23.48 24.22 -16.49
C PRO B 121 -24.53 23.89 -15.43
N LYS B 122 -25.62 24.67 -15.39
CA LYS B 122 -26.50 24.71 -14.19
C LYS B 122 -27.27 23.39 -14.13
N ILE B 123 -27.67 22.92 -15.30
CA ILE B 123 -28.45 21.66 -15.44
C ILE B 123 -27.65 20.81 -16.41
N ILE B 124 -27.10 19.70 -16.00
CA ILE B 124 -26.36 19.05 -17.11
C ILE B 124 -26.40 17.59 -16.76
N ASN B 125 -27.38 16.90 -17.37
CA ASN B 125 -27.77 15.50 -17.04
C ASN B 125 -28.05 14.75 -18.35
N ASN B 126 -27.59 13.49 -18.42
CA ASN B 126 -27.02 12.85 -19.65
C ASN B 126 -27.87 11.64 -20.08
N GLY B 127 -29.09 11.55 -19.56
CA GLY B 127 -30.14 10.68 -20.12
C GLY B 127 -30.22 10.85 -21.62
N THR B 128 -29.93 9.79 -22.38
CA THR B 128 -29.97 9.73 -23.87
C THR B 128 -28.81 10.56 -24.42
N ALA B 129 -27.73 10.75 -23.64
CA ALA B 129 -26.45 11.35 -24.10
C ALA B 129 -25.44 10.26 -24.51
N ASN B 130 -24.92 10.43 -25.72
CA ASN B 130 -23.75 9.70 -26.27
C ASN B 130 -22.52 10.05 -25.43
N PRO B 131 -21.57 9.11 -25.22
CA PRO B 131 -20.38 9.36 -24.38
C PRO B 131 -19.73 10.74 -24.59
N GLU B 132 -19.48 11.11 -25.86
CA GLU B 132 -18.77 12.37 -26.22
C GLU B 132 -19.55 13.59 -25.69
N ASP B 133 -20.87 13.46 -25.49
CA ASP B 133 -21.79 14.57 -25.12
C ASP B 133 -22.03 14.56 -23.60
N LYS B 134 -21.46 13.61 -22.85
CA LYS B 134 -21.64 13.47 -21.38
C LYS B 134 -21.03 14.67 -20.67
N LYS B 135 -21.74 15.22 -19.69
CA LYS B 135 -21.31 16.40 -18.89
C LYS B 135 -21.01 15.92 -17.47
N SER B 136 -20.10 16.59 -16.78
CA SER B 136 -19.51 16.16 -15.49
C SER B 136 -20.25 16.81 -14.32
N ALA B 137 -20.84 16.01 -13.46
CA ALA B 137 -21.39 16.44 -12.13
C ALA B 137 -20.26 16.87 -11.19
N ALA B 138 -19.16 16.10 -11.17
CA ALA B 138 -18.03 16.26 -10.22
C ALA B 138 -17.21 17.53 -10.53
N LYS B 139 -17.08 17.91 -11.79
CA LYS B 139 -16.25 19.08 -12.24
C LYS B 139 -16.75 20.38 -11.56
N LYS B 140 -18.04 20.50 -11.28
CA LYS B 140 -18.72 21.64 -10.60
C LYS B 140 -18.40 21.62 -9.11
N THR B 141 -17.53 20.71 -8.69
CA THR B 141 -17.36 20.31 -7.27
C THR B 141 -15.88 20.44 -6.90
N ILE B 142 -15.59 20.96 -5.72
CA ILE B 142 -14.28 20.79 -5.03
C ILE B 142 -14.57 20.08 -3.72
N VAL B 143 -13.88 18.97 -3.44
CA VAL B 143 -14.12 18.15 -2.24
C VAL B 143 -12.80 18.06 -1.46
N THR B 144 -12.88 18.42 -0.18
CA THR B 144 -11.70 18.54 0.70
C THR B 144 -12.19 18.52 2.15
N ASN B 145 -11.30 18.79 3.10
CA ASN B 145 -11.65 18.89 4.53
C ASN B 145 -11.23 20.27 5.02
N VAL B 146 -12.06 20.87 5.89
CA VAL B 146 -11.59 21.96 6.78
C VAL B 146 -11.52 21.36 8.18
N TYR B 147 -10.94 22.08 9.12
CA TYR B 147 -10.68 21.57 10.49
C TYR B 147 -11.21 22.58 11.51
N LEU B 148 -12.07 22.11 12.39
CA LEU B 148 -12.70 22.93 13.45
C LEU B 148 -11.63 23.33 14.49
N GLY B 149 -11.55 24.63 14.79
CA GLY B 149 -10.61 25.23 15.74
C GLY B 149 -9.20 25.17 15.22
N GLY B 150 -9.01 24.88 13.93
CA GLY B 150 -7.69 24.60 13.35
C GLY B 150 -7.04 23.42 14.01
N ASP B 151 -7.83 22.46 14.47
CA ASP B 151 -7.34 21.21 15.11
C ASP B 151 -7.41 20.10 14.06
N ALA B 152 -6.28 19.45 13.81
CA ALA B 152 -6.11 18.38 12.80
C ALA B 152 -6.95 17.15 13.15
N GLY B 153 -7.42 17.02 14.40
CA GLY B 153 -8.23 15.91 14.89
C GLY B 153 -9.72 16.18 14.74
N GLN B 154 -10.10 17.31 14.16
CA GLN B 154 -11.54 17.70 14.04
C GLN B 154 -11.87 18.01 12.58
N PRO B 155 -11.78 17.01 11.68
CA PRO B 155 -12.06 17.22 10.27
C PRO B 155 -13.55 17.39 9.96
N VAL B 156 -13.85 18.20 8.93
CA VAL B 156 -15.20 18.40 8.36
C VAL B 156 -15.13 18.26 6.84
N ALA B 157 -15.76 17.23 6.27
CA ALA B 157 -15.90 17.02 4.81
C ALA B 157 -16.56 18.26 4.24
N THR B 158 -15.90 18.96 3.32
CA THR B 158 -16.33 20.27 2.76
C THR B 158 -16.40 20.13 1.25
N THR B 159 -17.56 20.42 0.64
CA THR B 159 -17.73 20.42 -0.83
C THR B 159 -18.12 21.83 -1.24
N VAL B 160 -17.28 22.46 -2.06
CA VAL B 160 -17.64 23.72 -2.78
C VAL B 160 -18.22 23.31 -4.12
N SER B 161 -19.44 23.73 -4.42
CA SER B 161 -20.14 23.43 -5.69
C SER B 161 -20.45 24.73 -6.45
N PHE B 162 -20.29 24.73 -7.77
CA PHE B 162 -20.53 25.89 -8.65
C PHE B 162 -21.77 25.61 -9.50
N ASN B 163 -22.73 26.55 -9.48
CA ASN B 163 -23.88 26.59 -10.41
C ASN B 163 -24.72 25.32 -10.22
N LYS B 164 -24.84 24.82 -8.99
CA LYS B 164 -25.63 23.61 -8.64
C LYS B 164 -27.06 24.00 -8.26
N GLU B 165 -27.30 25.26 -7.87
CA GLU B 165 -28.59 25.73 -7.27
C GLU B 165 -29.50 26.24 -8.38
N THR B 166 -30.83 26.13 -8.20
CA THR B 166 -31.88 26.62 -9.12
C THR B 166 -32.83 27.58 -8.38
N GLU B 167 -32.70 27.68 -7.06
CA GLU B 167 -33.58 28.46 -6.15
C GLU B 167 -33.61 29.94 -6.59
N SER B 168 -34.76 30.61 -6.42
CA SER B 168 -34.97 32.05 -6.72
C SER B 168 -34.57 32.35 -8.18
N ASN B 169 -34.76 31.39 -9.08
CA ASN B 169 -34.40 31.51 -10.52
C ASN B 169 -32.96 32.04 -10.66
N CYS B 170 -32.03 31.55 -9.87
CA CYS B 170 -30.61 32.00 -9.92
C CYS B 170 -29.99 31.52 -11.23
N VAL B 171 -29.02 32.26 -11.74
CA VAL B 171 -28.26 31.90 -12.99
C VAL B 171 -26.95 31.25 -12.57
N TYR B 172 -26.34 31.77 -11.49
CA TYR B 172 -25.06 31.28 -10.93
C TYR B 172 -25.25 31.00 -9.45
N SER B 173 -24.39 30.16 -8.89
CA SER B 173 -24.41 29.88 -7.43
C SER B 173 -23.06 29.37 -6.96
N ILE B 174 -22.75 29.62 -5.69
CA ILE B 174 -21.62 28.99 -4.95
C ILE B 174 -22.20 28.38 -3.68
N THR B 175 -22.04 27.08 -3.50
CA THR B 175 -22.61 26.30 -2.37
C THR B 175 -21.46 25.72 -1.53
N PHE B 176 -21.51 25.88 -0.22
CA PHE B 176 -20.59 25.24 0.75
C PHE B 176 -21.39 24.21 1.52
N ASP B 177 -21.12 22.92 1.32
CA ASP B 177 -21.74 21.82 2.09
C ASP B 177 -20.72 21.35 3.11
N PHE B 178 -21.12 21.30 4.38
CA PHE B 178 -20.24 20.79 5.46
C PHE B 178 -20.90 19.58 6.06
N ALA B 179 -20.11 18.56 6.40
CA ALA B 179 -20.63 17.29 6.98
C ALA B 179 -19.50 16.57 7.72
N TRP B 180 -19.84 15.84 8.77
CA TRP B 180 -18.84 15.12 9.60
C TRP B 180 -19.47 13.84 10.12
N ASN B 181 -18.65 12.80 10.31
CA ASN B 181 -19.05 11.49 10.86
C ASN B 181 -18.67 11.37 12.33
N LYS B 182 -17.59 12.04 12.75
CA LYS B 182 -17.13 12.10 14.16
C LYS B 182 -18.31 12.56 15.03
N THR B 183 -18.42 12.08 16.25
CA THR B 183 -19.45 12.56 17.20
C THR B 183 -18.76 13.60 18.09
N TYR B 184 -18.75 14.86 17.66
CA TYR B 184 -18.07 15.99 18.35
C TYR B 184 -18.82 16.33 19.65
N LYS B 185 -18.09 16.55 20.75
CA LYS B 185 -18.68 16.88 22.08
C LYS B 185 -18.25 18.31 22.45
N ASN B 186 -19.14 19.28 22.23
CA ASN B 186 -18.95 20.71 22.55
C ASN B 186 -17.77 21.23 21.75
N VAL B 187 -17.92 21.24 20.43
CA VAL B 187 -16.97 21.80 19.43
C VAL B 187 -17.71 22.87 18.63
N PRO B 188 -17.38 24.17 18.84
CA PRO B 188 -17.91 25.21 17.97
C PRO B 188 -17.54 24.92 16.51
N PHE B 189 -18.47 25.17 15.59
CA PHE B 189 -18.15 25.21 14.15
C PHE B 189 -17.38 26.50 13.89
N ASP B 190 -16.06 26.37 13.92
CA ASP B 190 -15.06 27.41 13.55
C ASP B 190 -14.07 26.78 12.57
N SER B 191 -14.30 26.93 11.27
CA SER B 191 -13.55 26.26 10.19
C SER B 191 -12.21 26.95 9.94
N SER B 192 -11.15 26.15 9.76
CA SER B 192 -9.85 26.60 9.20
C SER B 192 -10.10 27.20 7.81
N SER B 193 -9.28 28.12 7.36
CA SER B 193 -9.49 28.79 6.04
C SER B 193 -9.16 27.79 4.93
N LEU B 194 -9.95 27.83 3.88
CA LEU B 194 -9.83 26.95 2.70
C LEU B 194 -9.54 27.84 1.49
N THR B 195 -8.41 27.66 0.83
CA THR B 195 -8.12 28.24 -0.51
C THR B 195 -8.75 27.33 -1.58
N PHE B 196 -9.40 27.92 -2.58
CA PHE B 196 -9.85 27.24 -3.82
C PHE B 196 -9.89 28.26 -4.97
N SER B 197 -9.98 27.76 -6.18
CA SER B 197 -10.16 28.57 -7.41
C SER B 197 -11.26 27.93 -8.24
N TYR B 198 -11.88 28.72 -9.11
CA TYR B 198 -12.83 28.22 -10.13
C TYR B 198 -12.68 29.08 -11.38
N ILE B 199 -13.08 28.52 -12.51
CA ILE B 199 -12.99 29.18 -13.83
C ILE B 199 -14.07 30.27 -13.86
N ALA B 200 -13.72 31.49 -14.28
CA ALA B 200 -14.60 32.67 -14.21
C ALA B 200 -15.42 32.77 -15.48
N GLN B 201 -16.68 33.22 -15.35
CA GLN B 201 -17.50 33.70 -16.48
C GLN B 201 -16.83 34.95 -17.06
N ASP B 202 -16.85 35.12 -18.36
CA ASP B 202 -16.33 36.34 -19.05
C ASP B 202 -17.35 37.48 -18.89
N ALA B 203 -16.88 38.73 -18.82
CA ALA B 203 -17.71 39.95 -19.05
C ALA B 203 -18.39 39.84 -20.41
N GLU B 204 -19.64 40.32 -20.53
CA GLU B 204 -20.38 40.34 -21.81
C GLU B 204 -19.72 41.35 -22.76
N ASP B 205 -19.81 41.13 -24.09
CA ASP B 205 -19.17 41.98 -25.14
C ASP B 205 -19.86 43.36 -25.14
N LYS B 206 -19.08 44.43 -24.93
CA LYS B 206 -19.56 45.84 -24.79
C LYS B 206 -19.12 46.56 -26.06
N ASN B 207 -20.06 47.25 -26.72
CA ASN B 207 -19.91 47.81 -28.09
C ASN B 207 -19.66 46.64 -29.06
N GLU B 208 -20.63 45.71 -29.16
CA GLU B 208 -20.61 44.50 -30.03
C GLU B 208 -19.94 43.35 -29.27
N VAL C 1 -7.62 34.07 -36.71
CA VAL C 1 -6.64 35.01 -37.32
C VAL C 1 -6.86 36.41 -36.73
N GLY C 2 -6.58 36.58 -35.43
CA GLY C 2 -6.60 37.88 -34.71
C GLY C 2 -7.98 38.26 -34.17
N ASN C 3 -8.04 38.57 -32.86
CA ASN C 3 -9.24 38.98 -32.07
C ASN C 3 -8.79 39.98 -30.97
N LYS C 4 -9.73 40.78 -30.46
CA LYS C 4 -9.51 41.69 -29.29
C LYS C 4 -9.72 40.89 -28.00
N ASN C 5 -10.37 39.73 -28.10
CA ASN C 5 -10.88 38.93 -26.96
C ASN C 5 -9.87 37.86 -26.54
N ASN C 6 -8.71 37.75 -27.21
CA ASN C 6 -7.77 36.64 -26.89
C ASN C 6 -6.86 37.09 -25.75
N ASP C 7 -6.88 36.33 -24.64
CA ASP C 7 -6.00 36.55 -23.45
C ASP C 7 -4.88 35.49 -23.39
N LYS C 8 -3.67 36.00 -23.56
CA LYS C 8 -2.38 35.27 -23.41
C LYS C 8 -2.02 35.10 -21.93
N LEU C 9 -2.92 35.42 -21.00
CA LEU C 9 -2.73 35.17 -19.53
C LEU C 9 -3.43 33.88 -19.13
N THR C 10 -4.13 33.22 -20.07
CA THR C 10 -4.78 31.91 -19.86
C THR C 10 -4.39 30.92 -20.95
N LEU C 11 -3.87 29.77 -20.56
CA LEU C 11 -3.56 28.64 -21.49
C LEU C 11 -4.43 27.46 -21.03
N TRP C 12 -5.30 26.94 -21.88
CA TRP C 12 -6.34 25.97 -21.45
C TRP C 12 -6.80 25.03 -22.56
N THR C 13 -7.62 24.05 -22.12
CA THR C 13 -8.24 22.97 -22.91
C THR C 13 -9.57 23.42 -23.50
N THR C 14 -9.97 24.65 -23.16
CA THR C 14 -11.36 25.20 -23.18
C THR C 14 -12.11 24.64 -21.98
N PRO C 15 -13.08 25.40 -21.43
CA PRO C 15 -13.80 25.00 -20.23
C PRO C 15 -14.78 23.84 -20.43
N ASP C 16 -15.25 23.62 -21.65
CA ASP C 16 -16.22 22.55 -22.03
C ASP C 16 -15.69 21.76 -23.21
N PRO C 17 -14.59 21.02 -23.05
CA PRO C 17 -13.95 20.35 -24.18
C PRO C 17 -14.72 19.11 -24.64
N SER C 18 -14.60 18.80 -25.93
CA SER C 18 -14.87 17.47 -26.54
C SER C 18 -13.85 16.50 -25.99
N PRO C 19 -14.03 15.17 -26.15
CA PRO C 19 -12.98 14.22 -25.77
C PRO C 19 -11.67 14.71 -26.39
N ASN C 20 -10.64 14.86 -25.56
CA ASN C 20 -9.36 15.53 -25.89
C ASN C 20 -8.18 14.77 -25.25
N CYS C 21 -8.40 13.58 -24.68
CA CYS C 21 -7.40 12.96 -23.79
C CYS C 21 -7.42 11.44 -23.89
N LYS C 22 -6.24 10.83 -23.73
CA LYS C 22 -6.03 9.36 -23.71
C LYS C 22 -5.65 8.89 -22.30
N VAL C 23 -6.55 8.18 -21.63
CA VAL C 23 -6.27 7.43 -20.38
C VAL C 23 -5.90 5.99 -20.76
N SER C 24 -6.76 5.25 -21.47
CA SER C 24 -6.53 3.87 -22.00
C SER C 24 -6.40 3.88 -23.52
N GLU C 25 -7.34 4.52 -24.22
CA GLU C 25 -7.38 4.65 -25.70
C GLU C 25 -7.63 6.11 -26.09
N GLU C 26 -7.38 6.44 -27.36
CA GLU C 26 -7.56 7.76 -28.02
C GLU C 26 -8.95 8.31 -27.65
N LYS C 27 -9.01 9.58 -27.23
CA LYS C 27 -10.26 10.35 -27.05
C LYS C 27 -11.26 9.60 -26.15
N ASP C 28 -10.80 8.97 -25.07
CA ASP C 28 -11.67 8.21 -24.13
C ASP C 28 -12.02 9.11 -22.93
N SER C 29 -11.56 10.36 -22.93
CA SER C 29 -11.74 11.25 -21.76
C SER C 29 -11.69 12.73 -22.13
N LYS C 30 -12.28 13.53 -21.26
CA LYS C 30 -12.29 15.00 -21.28
C LYS C 30 -11.43 15.49 -20.10
N LEU C 31 -10.25 16.01 -20.42
CA LEU C 31 -9.40 16.74 -19.47
C LEU C 31 -9.74 18.24 -19.60
N THR C 32 -10.25 18.83 -18.53
CA THR C 32 -10.40 20.29 -18.37
C THR C 32 -9.23 20.78 -17.53
N LEU C 33 -8.28 21.47 -18.18
CA LEU C 33 -7.10 22.07 -17.52
C LEU C 33 -7.04 23.55 -17.89
N VAL C 34 -7.07 24.42 -16.88
CA VAL C 34 -6.87 25.89 -17.06
C VAL C 34 -5.60 26.30 -16.32
N LEU C 35 -4.62 26.82 -17.06
CA LEU C 35 -3.41 27.48 -16.53
C LEU C 35 -3.64 28.99 -16.64
N THR C 36 -3.69 29.68 -15.50
CA THR C 36 -3.81 31.16 -15.42
C THR C 36 -2.50 31.74 -14.90
N LYS C 37 -1.90 32.70 -15.61
CA LYS C 37 -0.63 33.32 -15.19
C LYS C 37 -0.95 34.38 -14.14
N CYS C 38 -0.44 34.20 -12.91
CA CYS C 38 -0.36 35.23 -11.84
C CYS C 38 1.12 35.55 -11.64
N GLY C 39 1.78 36.22 -12.60
CA GLY C 39 3.23 36.58 -12.54
C GLY C 39 4.16 35.38 -12.31
N SER C 40 4.82 35.32 -11.16
CA SER C 40 5.83 34.30 -10.77
C SER C 40 5.21 32.89 -10.65
N GLN C 41 3.88 32.75 -10.56
CA GLN C 41 3.24 31.43 -10.37
C GLN C 41 2.16 31.24 -11.43
N ILE C 42 1.88 29.99 -11.80
CA ILE C 42 0.68 29.56 -12.55
C ILE C 42 -0.38 29.09 -11.53
N LEU C 43 -1.61 29.61 -11.64
CA LEU C 43 -2.81 29.12 -10.92
C LEU C 43 -3.54 28.14 -11.83
N ALA C 44 -3.75 26.91 -11.39
CA ALA C 44 -4.25 25.80 -12.24
C ALA C 44 -5.48 25.17 -11.61
N SER C 45 -6.44 24.81 -12.48
CA SER C 45 -7.67 24.05 -12.15
C SER C 45 -7.75 22.84 -13.10
N VAL C 46 -7.89 21.64 -12.54
CA VAL C 46 -7.91 20.39 -13.35
C VAL C 46 -9.06 19.51 -12.88
N SER C 47 -9.78 18.94 -13.84
CA SER C 47 -10.81 17.89 -13.68
C SER C 47 -10.70 16.92 -14.86
N LEU C 48 -10.97 15.64 -14.62
CA LEU C 48 -10.91 14.57 -15.63
C LEU C 48 -12.22 13.78 -15.58
N LEU C 49 -12.95 13.74 -16.69
CA LEU C 49 -14.10 12.82 -16.89
C LEU C 49 -13.69 11.81 -17.95
N VAL C 50 -13.67 10.52 -17.61
CA VAL C 50 -13.44 9.50 -18.67
C VAL C 50 -14.81 8.98 -19.10
N VAL C 51 -15.03 9.01 -20.42
CA VAL C 51 -16.36 8.81 -21.05
C VAL C 51 -16.44 7.42 -21.67
N LYS C 52 -15.31 6.73 -21.94
CA LYS C 52 -15.33 5.33 -22.41
C LYS C 52 -14.06 4.58 -21.98
N GLY C 53 -14.14 3.25 -22.09
CA GLY C 53 -13.03 2.31 -21.81
C GLY C 53 -12.98 1.82 -20.35
N LYS C 54 -11.75 1.42 -19.97
CA LYS C 54 -11.36 0.77 -18.69
C LYS C 54 -11.87 1.57 -17.49
N PHE C 55 -11.79 2.89 -17.56
CA PHE C 55 -11.99 3.77 -16.38
C PHE C 55 -13.29 4.58 -16.47
N ALA C 56 -14.18 4.31 -17.43
CA ALA C 56 -15.47 5.01 -17.58
C ALA C 56 -16.46 4.53 -16.51
N ASN C 57 -16.28 3.28 -16.06
CA ASN C 57 -17.11 2.63 -15.01
C ASN C 57 -16.22 1.68 -14.21
N ILE C 58 -15.46 2.20 -13.25
CA ILE C 58 -14.52 1.40 -12.40
C ILE C 58 -15.33 0.30 -11.71
N ASN C 59 -14.92 -0.96 -11.84
CA ASN C 59 -15.43 -2.04 -10.97
C ASN C 59 -14.25 -2.97 -10.64
N ASN C 60 -13.65 -2.77 -9.48
CA ASN C 60 -12.46 -3.52 -9.01
C ASN C 60 -12.89 -4.85 -8.36
N GLU C 61 -14.20 -5.11 -8.25
CA GLU C 61 -14.69 -6.45 -7.84
C GLU C 61 -14.52 -7.38 -9.06
N THR C 62 -14.94 -6.92 -10.24
CA THR C 62 -14.96 -7.71 -11.49
C THR C 62 -13.60 -7.56 -12.20
N ASN C 63 -12.88 -6.46 -11.95
CA ASN C 63 -11.51 -6.21 -12.50
C ASN C 63 -10.55 -5.93 -11.34
N PRO C 64 -10.17 -6.97 -10.56
CA PRO C 64 -9.34 -6.78 -9.37
C PRO C 64 -7.90 -6.35 -9.61
N GLY C 65 -7.33 -6.57 -10.80
CA GLY C 65 -5.91 -6.26 -11.05
C GLY C 65 -5.52 -4.82 -10.75
N GLU C 66 -4.22 -4.57 -10.64
CA GLU C 66 -3.66 -3.28 -10.17
C GLU C 66 -3.68 -2.25 -11.33
N ASP C 67 -3.72 -2.75 -12.58
CA ASP C 67 -3.75 -1.90 -13.80
C ASP C 67 -5.14 -1.27 -13.93
N TYR C 68 -6.15 -1.73 -13.16
CA TYR C 68 -7.52 -1.18 -13.13
C TYR C 68 -7.72 -0.25 -11.92
N LYS C 69 -6.65 0.03 -11.16
CA LYS C 69 -6.72 0.86 -9.92
C LYS C 69 -5.77 2.07 -10.03
N LYS C 70 -5.21 2.34 -11.20
CA LYS C 70 -4.32 3.54 -11.38
C LYS C 70 -4.13 3.85 -12.87
N PHE C 71 -3.77 5.09 -13.16
CA PHE C 71 -3.33 5.54 -14.50
C PHE C 71 -2.71 6.92 -14.38
N SER C 72 -2.06 7.36 -15.45
CA SER C 72 -1.30 8.63 -15.51
C SER C 72 -1.78 9.43 -16.73
N VAL C 73 -1.81 10.75 -16.63
CA VAL C 73 -2.07 11.68 -17.77
C VAL C 73 -0.87 12.62 -17.84
N LYS C 74 -0.17 12.65 -18.98
CA LYS C 74 1.06 13.44 -19.19
C LYS C 74 0.83 14.55 -20.21
N LEU C 75 1.27 15.76 -19.88
CA LEU C 75 1.49 16.84 -20.87
C LEU C 75 3.01 17.03 -21.06
N LEU C 76 3.50 16.81 -22.27
CA LEU C 76 4.92 16.96 -22.64
C LEU C 76 5.06 18.28 -23.40
N PHE C 77 6.02 19.14 -23.02
CA PHE C 77 6.25 20.43 -23.71
C PHE C 77 7.67 20.52 -24.26
N ASP C 78 7.85 21.20 -25.39
CA ASP C 78 9.17 21.47 -26.02
C ASP C 78 9.74 22.76 -25.43
N ALA C 79 10.91 23.17 -25.91
CA ALA C 79 11.67 24.36 -25.46
C ALA C 79 10.77 25.62 -25.47
N ASN C 80 9.80 25.67 -26.38
CA ASN C 80 8.92 26.86 -26.61
C ASN C 80 7.60 26.70 -25.87
N GLY C 81 7.40 25.60 -25.14
CA GLY C 81 6.17 25.38 -24.35
C GLY C 81 5.06 24.80 -25.20
N LYS C 82 5.34 24.37 -26.43
CA LYS C 82 4.34 23.70 -27.30
C LYS C 82 4.14 22.25 -26.82
N LEU C 83 2.89 21.75 -26.93
CA LEU C 83 2.48 20.38 -26.53
C LEU C 83 3.08 19.39 -27.54
N LEU C 84 3.81 18.38 -27.08
CA LEU C 84 4.42 17.34 -27.97
C LEU C 84 3.48 16.15 -28.11
N THR C 85 3.67 15.37 -29.17
CA THR C 85 2.70 14.39 -29.68
C THR C 85 2.48 13.22 -28.71
N GLY C 86 3.53 12.69 -28.06
CA GLY C 86 3.39 11.62 -27.05
C GLY C 86 2.50 12.00 -25.86
N SER C 87 1.99 13.24 -25.77
CA SER C 87 1.14 13.68 -24.63
C SER C 87 -0.17 12.91 -24.63
N SER C 88 -0.74 12.68 -23.45
CA SER C 88 -2.12 12.16 -23.25
C SER C 88 -3.14 13.12 -23.87
N LEU C 89 -2.93 14.43 -23.70
CA LEU C 89 -3.83 15.52 -24.19
C LEU C 89 -3.58 15.77 -25.69
N ASP C 90 -4.65 15.81 -26.48
CA ASP C 90 -4.62 16.25 -27.91
C ASP C 90 -4.47 17.79 -27.95
N GLY C 91 -3.71 18.31 -28.91
CA GLY C 91 -3.32 19.72 -28.97
C GLY C 91 -4.28 20.59 -29.76
N ASN C 92 -5.35 20.00 -30.31
CA ASN C 92 -6.26 20.71 -31.24
C ASN C 92 -6.91 21.90 -30.52
N TYR C 93 -7.34 21.70 -29.27
CA TYR C 93 -8.03 22.72 -28.44
C TYR C 93 -7.23 22.93 -27.17
N TRP C 94 -5.89 22.81 -27.26
CA TRP C 94 -4.93 23.26 -26.23
C TRP C 94 -4.24 24.52 -26.76
N ASN C 95 -4.62 25.69 -26.24
CA ASN C 95 -4.24 27.00 -26.81
C ASN C 95 -4.62 28.11 -25.81
N TYR C 96 -4.11 29.31 -26.06
CA TYR C 96 -4.51 30.55 -25.35
C TYR C 96 -6.01 30.78 -25.56
N LYS C 97 -6.64 31.39 -24.55
CA LYS C 97 -8.10 31.63 -24.45
C LYS C 97 -8.53 32.72 -25.43
N ASN C 98 -9.70 32.53 -26.01
CA ASN C 98 -10.52 33.57 -26.69
C ASN C 98 -11.97 33.25 -26.38
N LYS C 99 -12.59 34.04 -25.46
CA LYS C 99 -13.95 33.83 -24.91
C LYS C 99 -13.92 32.42 -24.32
N ASP C 100 -14.85 31.55 -24.64
CA ASP C 100 -14.90 30.19 -24.01
C ASP C 100 -14.23 29.18 -24.94
N SER C 101 -13.45 29.67 -25.91
CA SER C 101 -12.76 28.84 -26.94
C SER C 101 -11.27 29.17 -26.96
N VAL C 102 -10.62 28.91 -28.10
CA VAL C 102 -9.15 29.12 -28.31
C VAL C 102 -8.96 30.20 -29.37
N ILE C 103 -7.74 30.75 -29.46
CA ILE C 103 -7.33 31.75 -30.51
C ILE C 103 -7.34 31.04 -31.88
N GLY C 104 -7.48 31.85 -32.95
CA GLY C 104 -7.57 31.41 -34.35
C GLY C 104 -6.41 30.56 -34.83
N SER C 105 -5.19 30.78 -34.33
CA SER C 105 -3.94 30.10 -34.75
C SER C 105 -3.31 29.34 -33.58
N PRO C 106 -2.63 28.20 -33.82
CA PRO C 106 -1.87 27.53 -32.76
C PRO C 106 -0.78 28.45 -32.18
N TYR C 107 -0.52 28.38 -30.87
CA TYR C 107 0.43 29.29 -30.21
C TYR C 107 1.86 28.87 -30.59
N GLU C 108 2.74 29.86 -30.66
CA GLU C 108 4.16 29.65 -31.03
C GLU C 108 4.99 29.44 -29.76
N ASN C 109 4.66 30.12 -28.67
CA ASN C 109 5.46 30.18 -27.41
C ASN C 109 4.54 30.27 -26.18
N ALA C 110 4.77 29.41 -25.17
CA ALA C 110 4.09 29.45 -23.86
C ALA C 110 5.09 29.10 -22.75
N VAL C 111 6.35 29.50 -22.92
CA VAL C 111 7.44 29.28 -21.93
C VAL C 111 6.98 29.80 -20.58
N PRO C 112 6.42 31.04 -20.49
CA PRO C 112 6.02 31.60 -19.19
C PRO C 112 4.94 30.80 -18.45
N PHE C 113 4.37 29.76 -19.08
CA PHE C 113 3.36 28.88 -18.45
C PHE C 113 4.03 27.60 -17.96
N MET C 114 5.31 27.42 -18.27
CA MET C 114 6.00 26.14 -18.03
C MET C 114 6.47 26.11 -16.57
N PRO C 115 6.57 24.93 -15.96
CA PRO C 115 7.12 24.80 -14.62
C PRO C 115 8.61 25.15 -14.62
N ASN C 116 9.00 26.06 -13.71
CA ASN C 116 10.36 26.62 -13.58
C ASN C 116 11.41 25.50 -13.57
N SER C 117 12.43 25.56 -14.45
CA SER C 117 13.53 24.56 -14.59
C SER C 117 14.39 24.53 -13.34
N THR C 118 14.60 25.69 -12.74
CA THR C 118 15.45 25.92 -11.53
C THR C 118 14.77 25.30 -10.28
N ALA C 119 13.47 25.53 -10.12
CA ALA C 119 12.66 25.06 -8.97
C ALA C 119 12.41 23.56 -9.15
N TYR C 120 12.12 23.16 -10.39
CA TYR C 120 11.73 21.78 -10.80
C TYR C 120 12.70 21.29 -11.87
N PRO C 121 13.97 20.97 -11.53
CA PRO C 121 14.93 20.47 -12.51
C PRO C 121 14.63 19.03 -12.91
N LYS C 122 14.86 18.64 -14.17
CA LYS C 122 15.07 17.21 -14.56
C LYS C 122 16.44 16.87 -13.96
N ILE C 123 16.68 15.64 -13.45
CA ILE C 123 17.69 15.43 -12.37
C ILE C 123 18.77 14.39 -12.78
N ILE C 124 19.99 14.67 -12.31
CA ILE C 124 21.23 13.90 -12.55
C ILE C 124 21.59 13.11 -11.27
N ASN C 125 21.86 11.81 -11.40
CA ASN C 125 22.11 10.87 -10.28
C ASN C 125 23.37 10.04 -10.52
N ASN C 126 24.51 10.46 -9.96
CA ASN C 126 25.72 9.62 -9.79
C ASN C 126 26.21 9.70 -8.33
N GLY C 127 26.57 8.56 -7.74
CA GLY C 127 27.47 8.51 -6.57
C GLY C 127 26.89 9.24 -5.38
N THR C 128 27.45 10.42 -5.04
CA THR C 128 27.10 11.29 -3.88
C THR C 128 25.57 11.48 -3.63
N ALA C 129 24.95 10.42 -3.10
CA ALA C 129 23.55 10.40 -2.62
C ALA C 129 23.26 11.60 -1.72
N ASN C 130 24.27 12.07 -0.96
CA ASN C 130 24.20 13.36 -0.19
C ASN C 130 25.59 13.92 0.13
N PRO C 131 26.09 14.92 -0.65
CA PRO C 131 27.04 15.91 -0.15
C PRO C 131 26.36 17.14 0.49
N GLU C 132 25.09 17.07 0.93
CA GLU C 132 24.33 18.21 1.50
C GLU C 132 24.08 19.28 0.41
N ASP C 133 24.45 19.06 -0.86
CA ASP C 133 24.04 19.84 -2.06
C ASP C 133 22.86 19.16 -2.77
N LYS C 134 22.31 18.08 -2.20
CA LYS C 134 21.26 17.20 -2.78
C LYS C 134 20.00 18.01 -3.09
N LYS C 135 19.40 17.69 -4.22
CA LYS C 135 18.20 18.35 -4.81
C LYS C 135 16.94 17.53 -4.54
N SER C 136 15.79 18.20 -4.50
CA SER C 136 14.52 17.67 -3.96
C SER C 136 13.67 17.02 -5.05
N ALA C 137 13.42 15.72 -4.90
CA ALA C 137 12.47 14.94 -5.73
C ALA C 137 11.04 15.40 -5.42
N ALA C 138 10.72 15.63 -4.14
CA ALA C 138 9.35 15.90 -3.63
C ALA C 138 8.88 17.30 -4.05
N LYS C 139 9.78 18.27 -4.12
CA LYS C 139 9.44 19.69 -4.42
C LYS C 139 8.72 19.81 -5.79
N LYS C 140 9.06 18.95 -6.75
CA LYS C 140 8.49 18.85 -8.13
C LYS C 140 7.10 18.23 -8.06
N THR C 141 6.60 17.98 -6.87
CA THR C 141 5.45 17.09 -6.61
C THR C 141 4.40 17.86 -5.81
N ILE C 142 3.12 17.72 -6.16
CA ILE C 142 1.97 18.04 -5.27
C ILE C 142 1.20 16.74 -5.04
N VAL C 143 0.94 16.40 -3.79
CA VAL C 143 0.21 15.17 -3.40
C VAL C 143 -1.06 15.56 -2.63
N THR C 144 -2.18 15.05 -3.09
CA THR C 144 -3.52 15.42 -2.58
C THR C 144 -4.52 14.33 -2.98
N ASN C 145 -5.82 14.56 -2.76
CA ASN C 145 -6.89 13.67 -3.26
C ASN C 145 -7.83 14.48 -4.15
N VAL C 146 -8.37 13.85 -5.19
CA VAL C 146 -9.65 14.29 -5.82
C VAL C 146 -10.71 13.25 -5.44
N TYR C 147 -11.97 13.51 -5.74
CA TYR C 147 -13.10 12.67 -5.27
C TYR C 147 -14.04 12.41 -6.44
N LEU C 148 -14.27 11.13 -6.71
CA LEU C 148 -15.09 10.66 -7.85
C LEU C 148 -16.56 11.01 -7.59
N GLY C 149 -17.21 11.64 -8.56
CA GLY C 149 -18.62 12.07 -8.50
C GLY C 149 -18.81 13.19 -7.51
N GLY C 150 -17.71 13.84 -7.09
CA GLY C 150 -17.75 14.81 -5.98
C GLY C 150 -18.29 14.19 -4.71
N ASP C 151 -18.06 12.90 -4.50
CA ASP C 151 -18.45 12.17 -3.27
C ASP C 151 -17.21 12.05 -2.38
N ALA C 152 -17.31 12.53 -1.16
CA ALA C 152 -16.20 12.56 -0.17
C ALA C 152 -15.78 11.13 0.24
N GLY C 153 -16.61 10.12 -0.04
CA GLY C 153 -16.36 8.70 0.28
C GLY C 153 -15.64 7.99 -0.86
N GLN C 154 -15.29 8.69 -1.94
CA GLN C 154 -14.66 8.08 -3.14
C GLN C 154 -13.34 8.81 -3.46
N PRO C 155 -12.35 8.79 -2.54
CA PRO C 155 -11.08 9.47 -2.76
C PRO C 155 -10.20 8.77 -3.78
N VAL C 156 -9.40 9.56 -4.50
CA VAL C 156 -8.37 9.11 -5.47
C VAL C 156 -7.08 9.90 -5.18
N ALA C 157 -6.04 9.20 -4.71
CA ALA C 157 -4.70 9.75 -4.47
C ALA C 157 -4.22 10.36 -5.78
N THR C 158 -3.92 11.66 -5.77
CA THR C 158 -3.59 12.45 -6.99
C THR C 158 -2.23 13.10 -6.76
N THR C 159 -1.27 12.86 -7.67
CA THR C 159 0.07 13.46 -7.62
C THR C 159 0.24 14.29 -8.89
N VAL C 160 0.41 15.60 -8.74
CA VAL C 160 0.85 16.50 -9.84
C VAL C 160 2.36 16.57 -9.75
N SER C 161 3.06 16.24 -10.84
CA SER C 161 4.54 16.34 -10.93
C SER C 161 4.92 17.34 -12.04
N PHE C 162 5.95 18.14 -11.79
CA PHE C 162 6.50 19.13 -12.75
C PHE C 162 7.86 18.65 -13.25
N ASN C 163 8.03 18.61 -14.57
CA ASN C 163 9.32 18.39 -15.25
C ASN C 163 9.89 17.04 -14.83
N LYS C 164 9.06 16.04 -14.64
CA LYS C 164 9.44 14.65 -14.24
C LYS C 164 9.68 13.80 -15.49
N GLU C 165 9.12 14.18 -16.65
CA GLU C 165 9.08 13.33 -17.88
C GLU C 165 10.34 13.61 -18.73
N THR C 166 10.78 12.60 -19.49
CA THR C 166 11.90 12.67 -20.46
C THR C 166 11.43 12.29 -21.87
N GLU C 167 10.20 11.79 -21.98
CA GLU C 167 9.59 11.22 -23.22
C GLU C 167 9.60 12.28 -24.33
N SER C 168 9.79 11.85 -25.58
CA SER C 168 9.80 12.73 -26.78
C SER C 168 10.79 13.90 -26.63
N ASN C 169 11.89 13.70 -25.90
CA ASN C 169 12.90 14.76 -25.62
C ASN C 169 12.22 16.05 -25.13
N CYS C 170 11.25 15.93 -24.25
CA CYS C 170 10.54 17.11 -23.69
C CYS C 170 11.50 17.93 -22.83
N VAL C 171 11.29 19.24 -22.71
CA VAL C 171 12.08 20.14 -21.84
C VAL C 171 11.28 20.37 -20.55
N TYR C 172 9.96 20.49 -20.66
CA TYR C 172 9.04 20.68 -19.52
C TYR C 172 7.94 19.62 -19.56
N SER C 173 7.27 19.39 -18.43
CA SER C 173 6.13 18.42 -18.38
C SER C 173 5.24 18.72 -17.17
N ILE C 174 3.98 18.36 -17.28
CA ILE C 174 3.02 18.26 -16.14
C ILE C 174 2.41 16.86 -16.21
N THR C 175 2.57 16.08 -15.14
CA THR C 175 2.03 14.70 -15.02
C THR C 175 0.97 14.66 -13.92
N PHE C 176 -0.18 14.03 -14.20
CA PHE C 176 -1.22 13.69 -13.20
C PHE C 176 -1.22 12.17 -13.02
N ASP C 177 -0.80 11.69 -11.85
CA ASP C 177 -0.90 10.25 -11.48
C ASP C 177 -2.14 10.09 -10.59
N PHE C 178 -3.03 9.16 -10.93
CA PHE C 178 -4.22 8.87 -10.12
C PHE C 178 -4.10 7.43 -9.66
N ALA C 179 -4.48 7.14 -8.43
CA ALA C 179 -4.46 5.77 -7.86
C ALA C 179 -5.41 5.69 -6.67
N TRP C 180 -5.96 4.51 -6.41
CA TRP C 180 -6.91 4.29 -5.31
C TRP C 180 -6.73 2.88 -4.76
N ASN C 181 -6.96 2.71 -3.46
CA ASN C 181 -6.89 1.39 -2.76
C ASN C 181 -8.30 0.82 -2.53
N LYS C 182 -9.30 1.68 -2.37
CA LYS C 182 -10.74 1.28 -2.26
C LYS C 182 -11.08 0.38 -3.45
N THR C 183 -11.96 -0.60 -3.27
CA THR C 183 -12.40 -1.46 -4.39
C THR C 183 -13.76 -0.91 -4.83
N TYR C 184 -13.76 0.05 -5.76
CA TYR C 184 -14.96 0.80 -6.23
C TYR C 184 -15.81 -0.12 -7.13
N LYS C 185 -17.13 -0.09 -6.92
CA LYS C 185 -18.13 -0.91 -7.65
C LYS C 185 -18.99 0.02 -8.51
N ASN C 186 -18.69 0.10 -9.81
CA ASN C 186 -19.44 0.88 -10.82
C ASN C 186 -19.42 2.34 -10.43
N VAL C 187 -18.21 2.92 -10.45
CA VAL C 187 -17.92 4.36 -10.21
C VAL C 187 -17.21 4.91 -11.43
N PRO C 188 -17.88 5.75 -12.24
CA PRO C 188 -17.17 6.49 -13.30
C PRO C 188 -16.00 7.28 -12.72
N PHE C 189 -14.86 7.29 -13.41
CA PHE C 189 -13.77 8.25 -13.13
C PHE C 189 -14.23 9.62 -13.62
N ASP C 190 -14.82 10.36 -12.69
CA ASP C 190 -15.31 11.76 -12.86
C ASP C 190 -14.81 12.52 -11.64
N SER C 191 -13.67 13.18 -11.77
CA SER C 191 -12.91 13.77 -10.63
C SER C 191 -13.50 15.15 -10.28
N SER C 192 -13.62 15.43 -8.99
CA SER C 192 -13.83 16.80 -8.45
C SER C 192 -12.71 17.71 -8.96
N SER C 193 -12.95 19.00 -9.09
CA SER C 193 -11.91 19.95 -9.58
C SER C 193 -10.86 20.14 -8.49
N LEU C 194 -9.60 20.21 -8.88
CA LEU C 194 -8.42 20.37 -8.00
C LEU C 194 -7.74 21.70 -8.36
N THR C 195 -7.63 22.63 -7.42
CA THR C 195 -6.80 23.84 -7.53
C THR C 195 -5.35 23.47 -7.13
N PHE C 196 -4.37 23.95 -7.88
CA PHE C 196 -2.94 23.87 -7.54
C PHE C 196 -2.19 25.02 -8.21
N SER C 197 -0.97 25.27 -7.73
CA SER C 197 -0.09 26.33 -8.31
C SER C 197 1.31 25.75 -8.44
N TYR C 198 2.11 26.31 -9.33
CA TYR C 198 3.54 25.99 -9.47
C TYR C 198 4.28 27.26 -9.87
N ILE C 199 5.56 27.29 -9.56
CA ILE C 199 6.45 28.44 -9.89
C ILE C 199 6.67 28.41 -11.42
N ALA C 200 6.53 29.55 -12.07
CA ALA C 200 6.58 29.69 -13.55
C ALA C 200 8.01 29.92 -14.00
N GLN C 201 8.35 29.34 -15.16
CA GLN C 201 9.57 29.70 -15.92
C GLN C 201 9.45 31.17 -16.38
N ASP C 202 10.52 31.92 -16.36
CA ASP C 202 10.58 33.27 -17.01
C ASP C 202 10.68 33.10 -18.53
N ALA C 203 10.14 34.06 -19.29
CA ALA C 203 10.44 34.29 -20.72
C ALA C 203 11.96 34.48 -20.88
N GLU C 204 12.51 34.01 -22.01
CA GLU C 204 13.93 34.18 -22.42
C GLU C 204 14.25 35.69 -22.60
N ASP C 205 15.51 36.06 -22.35
CA ASP C 205 16.03 37.45 -22.15
C ASP C 205 15.81 38.32 -23.39
N LYS C 206 16.21 37.83 -24.58
CA LYS C 206 15.99 38.51 -25.89
C LYS C 206 15.67 37.44 -26.95
N ASN D 6 -10.32 -41.14 -1.81
CA ASN D 6 -10.60 -42.01 -0.65
C ASN D 6 -10.41 -41.21 0.64
N ASP D 7 -11.42 -41.27 1.53
CA ASP D 7 -11.81 -40.18 2.48
C ASP D 7 -11.44 -40.52 3.94
N LYS D 8 -11.00 -41.74 4.30
CA LYS D 8 -10.37 -42.06 5.62
C LYS D 8 -8.90 -41.55 5.66
N LEU D 9 -8.44 -40.93 4.57
CA LEU D 9 -7.10 -40.33 4.44
C LEU D 9 -7.17 -38.82 4.73
N THR D 10 -8.34 -38.29 5.03
CA THR D 10 -8.55 -36.88 5.45
C THR D 10 -9.37 -36.79 6.73
N LEU D 11 -8.83 -36.10 7.74
CA LEU D 11 -9.53 -35.75 8.99
C LEU D 11 -9.61 -34.23 9.03
N TRP D 12 -10.82 -33.66 9.08
CA TRP D 12 -10.98 -32.19 8.93
C TRP D 12 -12.22 -31.62 9.65
N THR D 13 -12.28 -30.28 9.63
CA THR D 13 -13.31 -29.40 10.21
C THR D 13 -14.46 -29.19 9.22
N THR D 14 -14.28 -29.71 8.02
CA THR D 14 -14.97 -29.33 6.74
C THR D 14 -14.28 -28.07 6.21
N PRO D 15 -14.25 -27.87 4.89
CA PRO D 15 -13.57 -26.72 4.29
C PRO D 15 -14.26 -25.37 4.50
N ASP D 16 -15.58 -25.38 4.73
CA ASP D 16 -16.40 -24.16 4.97
C ASP D 16 -17.25 -24.35 6.21
N PRO D 17 -16.63 -24.40 7.40
CA PRO D 17 -17.37 -24.68 8.63
C PRO D 17 -18.20 -23.49 9.11
N SER D 18 -19.28 -23.80 9.82
CA SER D 18 -19.99 -22.89 10.75
C SER D 18 -19.06 -22.57 11.91
N PRO D 19 -19.35 -21.55 12.75
CA PRO D 19 -18.55 -21.33 13.95
C PRO D 19 -18.42 -22.67 14.69
N ASN D 20 -17.17 -23.06 14.98
CA ASN D 20 -16.80 -24.39 15.48
C ASN D 20 -15.71 -24.28 16.55
N CYS D 21 -15.36 -23.07 17.01
CA CYS D 21 -14.11 -22.87 17.79
C CYS D 21 -14.26 -21.78 18.84
N LYS D 22 -13.57 -21.95 19.98
CA LYS D 22 -13.48 -20.97 21.09
C LYS D 22 -12.08 -20.35 21.14
N VAL D 23 -11.99 -19.07 20.83
CA VAL D 23 -10.81 -18.21 21.08
C VAL D 23 -11.00 -17.52 22.44
N SER D 24 -12.10 -16.77 22.63
CA SER D 24 -12.50 -16.09 23.90
C SER D 24 -13.74 -16.76 24.50
N GLU D 25 -14.79 -16.92 23.70
CA GLU D 25 -16.09 -17.54 24.09
C GLU D 25 -16.48 -18.61 23.07
N GLU D 26 -17.41 -19.49 23.45
CA GLU D 26 -18.01 -20.59 22.66
C GLU D 26 -18.42 -20.07 21.26
N LYS D 27 -18.00 -20.79 20.21
CA LYS D 27 -18.43 -20.57 18.80
C LYS D 27 -18.23 -19.11 18.39
N ASP D 28 -17.11 -18.49 18.74
CA ASP D 28 -16.78 -17.09 18.36
C ASP D 28 -15.87 -17.11 17.12
N SER D 29 -15.56 -18.29 16.57
CA SER D 29 -14.61 -18.39 15.45
C SER D 29 -14.83 -19.64 14.60
N LYS D 30 -14.33 -19.57 13.36
CA LYS D 30 -14.27 -20.65 12.35
C LYS D 30 -12.80 -21.06 12.20
N LEU D 31 -12.47 -22.24 12.72
CA LEU D 31 -11.19 -22.93 12.45
C LEU D 31 -11.42 -23.87 11.28
N THR D 32 -10.72 -23.63 10.18
CA THR D 32 -10.59 -24.59 9.05
C THR D 32 -9.25 -25.31 9.21
N LEU D 33 -9.29 -26.58 9.58
CA LEU D 33 -8.10 -27.44 9.77
C LEU D 33 -8.32 -28.72 8.94
N VAL D 34 -7.43 -28.98 7.99
CA VAL D 34 -7.45 -30.20 7.15
C VAL D 34 -6.16 -30.98 7.41
N LEU D 35 -6.31 -32.18 7.97
CA LEU D 35 -5.22 -33.17 8.15
C LEU D 35 -5.35 -34.22 7.06
N THR D 36 -4.38 -34.30 6.16
CA THR D 36 -4.31 -35.29 5.06
C THR D 36 -3.14 -36.24 5.30
N LYS D 37 -3.41 -37.55 5.32
CA LYS D 37 -2.38 -38.58 5.56
C LYS D 37 -1.60 -38.80 4.27
N CYS D 38 -0.31 -38.47 4.27
CA CYS D 38 0.68 -38.81 3.20
C CYS D 38 1.67 -39.81 3.87
N GLY D 39 1.21 -41.04 4.12
CA GLY D 39 1.93 -42.11 4.85
C GLY D 39 2.45 -41.67 6.22
N SER D 40 3.78 -41.63 6.35
CA SER D 40 4.52 -41.36 7.60
C SER D 40 4.29 -39.93 8.12
N GLN D 41 3.76 -39.01 7.29
CA GLN D 41 3.56 -37.61 7.71
C GLN D 41 2.11 -37.21 7.46
N ILE D 42 1.60 -36.31 8.28
CA ILE D 42 0.32 -35.59 8.04
C ILE D 42 0.65 -34.24 7.36
N LEU D 43 -0.02 -33.97 6.23
CA LEU D 43 0.00 -32.68 5.51
C LEU D 43 -1.20 -31.89 6.02
N ALA D 44 -0.96 -30.69 6.54
CA ALA D 44 -1.97 -29.88 7.25
C ALA D 44 -2.06 -28.50 6.62
N SER D 45 -3.29 -27.99 6.54
CA SER D 45 -3.66 -26.61 6.22
C SER D 45 -4.54 -26.06 7.34
N VAL D 46 -4.18 -24.91 7.90
CA VAL D 46 -4.97 -24.26 8.96
C VAL D 46 -5.18 -22.77 8.63
N SER D 47 -6.40 -22.31 8.84
CA SER D 47 -6.83 -20.89 8.79
C SER D 47 -7.85 -20.66 9.92
N LEU D 48 -7.84 -19.47 10.51
CA LEU D 48 -8.73 -19.09 11.63
C LEU D 48 -9.36 -17.73 11.31
N LEU D 49 -10.69 -17.69 11.24
CA LEU D 49 -11.46 -16.43 11.19
C LEU D 49 -12.21 -16.31 12.51
N VAL D 50 -11.98 -15.26 13.31
CA VAL D 50 -12.84 -15.02 14.48
C VAL D 50 -13.91 -14.02 14.10
N VAL D 51 -15.16 -14.38 14.38
CA VAL D 51 -16.39 -13.69 13.86
C VAL D 51 -17.05 -12.87 14.97
N LYS D 52 -16.75 -13.12 16.25
CA LYS D 52 -17.22 -12.24 17.36
C LYS D 52 -16.27 -12.28 18.55
N GLY D 53 -16.43 -11.32 19.47
CA GLY D 53 -15.66 -11.20 20.73
C GLY D 53 -14.40 -10.33 20.59
N LYS D 54 -13.47 -10.59 21.52
CA LYS D 54 -12.20 -9.87 21.79
C LYS D 54 -11.39 -9.70 20.49
N PHE D 55 -11.33 -10.75 19.65
CA PHE D 55 -10.39 -10.81 18.51
C PHE D 55 -11.10 -10.70 17.15
N ALA D 56 -12.40 -10.35 17.10
CA ALA D 56 -13.16 -10.22 15.83
C ALA D 56 -12.77 -8.92 15.12
N ASN D 57 -12.35 -7.93 15.90
CA ASN D 57 -11.87 -6.61 15.41
C ASN D 57 -10.80 -6.13 16.38
N ILE D 58 -9.55 -6.58 16.20
CA ILE D 58 -8.37 -6.20 17.06
C ILE D 58 -8.28 -4.68 17.05
N ASN D 59 -8.25 -4.05 18.21
CA ASN D 59 -7.86 -2.62 18.33
C ASN D 59 -7.00 -2.47 19.59
N ASN D 60 -5.68 -2.52 19.44
CA ASN D 60 -4.72 -2.47 20.56
C ASN D 60 -4.46 -1.02 20.94
N GLU D 61 -5.04 -0.04 20.24
CA GLU D 61 -5.03 1.38 20.67
C GLU D 61 -6.01 1.50 21.85
N THR D 62 -7.22 0.94 21.69
CA THR D 62 -8.33 1.06 22.67
C THR D 62 -8.22 -0.10 23.69
N ASN D 63 -7.58 -1.21 23.31
CA ASN D 63 -7.34 -2.37 24.22
C ASN D 63 -5.84 -2.69 24.24
N PRO D 64 -5.00 -1.85 24.90
CA PRO D 64 -3.55 -2.04 24.90
C PRO D 64 -3.16 -3.29 25.73
N GLY D 65 -1.93 -3.76 25.65
CA GLY D 65 -1.49 -4.83 26.55
C GLY D 65 -2.22 -6.15 26.31
N GLU D 66 -1.71 -7.12 27.05
CA GLU D 66 -1.06 -8.26 26.38
C GLU D 66 -2.09 -9.36 26.16
N ASP D 67 -3.19 -9.37 26.93
CA ASP D 67 -4.26 -10.40 26.80
C ASP D 67 -5.07 -10.12 25.53
N TYR D 68 -4.92 -8.93 24.91
CA TYR D 68 -5.57 -8.54 23.64
C TYR D 68 -4.59 -8.67 22.45
N LYS D 69 -3.39 -9.21 22.68
CA LYS D 69 -2.32 -9.30 21.66
C LYS D 69 -1.85 -10.75 21.49
N LYS D 70 -2.55 -11.71 22.08
CA LYS D 70 -2.24 -13.14 21.89
C LYS D 70 -3.42 -14.01 22.29
N PHE D 71 -3.44 -15.25 21.81
CA PHE D 71 -4.32 -16.33 22.30
C PHE D 71 -3.84 -17.65 21.73
N SER D 72 -4.41 -18.73 22.22
CA SER D 72 -4.04 -20.11 21.85
C SER D 72 -5.30 -20.86 21.45
N VAL D 73 -5.19 -21.78 20.50
CA VAL D 73 -6.27 -22.70 20.10
C VAL D 73 -5.70 -24.12 20.25
N LYS D 74 -6.35 -24.96 21.06
CA LYS D 74 -5.88 -26.31 21.43
C LYS D 74 -6.83 -27.36 20.87
N LEU D 75 -6.28 -28.40 20.25
CA LEU D 75 -6.98 -29.68 20.02
C LEU D 75 -6.37 -30.73 20.95
N LEU D 76 -7.19 -31.28 21.85
CA LEU D 76 -6.79 -32.34 22.81
C LEU D 76 -7.33 -33.66 22.28
N PHE D 77 -6.50 -34.70 22.21
CA PHE D 77 -6.93 -36.05 21.73
C PHE D 77 -6.68 -37.11 22.80
N ASP D 78 -7.53 -38.13 22.83
CA ASP D 78 -7.40 -39.31 23.74
C ASP D 78 -6.54 -40.38 23.04
N ALA D 79 -6.36 -41.52 23.72
CA ALA D 79 -5.59 -42.70 23.25
C ALA D 79 -5.98 -43.09 21.81
N ASN D 80 -7.27 -42.92 21.46
CA ASN D 80 -7.84 -43.37 20.17
C ASN D 80 -7.87 -42.23 19.16
N GLY D 81 -7.37 -41.04 19.50
CA GLY D 81 -7.32 -39.90 18.58
C GLY D 81 -8.64 -39.14 18.53
N LYS D 82 -9.57 -39.42 19.44
CA LYS D 82 -10.86 -38.69 19.54
C LYS D 82 -10.61 -37.34 20.22
N LEU D 83 -11.35 -36.32 19.78
CA LEU D 83 -11.26 -34.91 20.26
C LEU D 83 -11.86 -34.87 21.67
N LEU D 84 -11.14 -34.37 22.67
CA LEU D 84 -11.65 -34.27 24.06
C LEU D 84 -12.29 -32.91 24.30
N THR D 85 -13.14 -32.83 25.33
CA THR D 85 -14.12 -31.75 25.55
C THR D 85 -13.43 -30.40 25.82
N GLY D 86 -12.37 -30.37 26.63
CA GLY D 86 -11.61 -29.13 26.90
C GLY D 86 -11.01 -28.47 25.66
N SER D 87 -11.12 -29.07 24.47
CA SER D 87 -10.54 -28.52 23.21
C SER D 87 -11.23 -27.20 22.87
N SER D 88 -10.50 -26.29 22.23
CA SER D 88 -11.03 -25.06 21.60
C SER D 88 -12.04 -25.43 20.50
N LEU D 89 -11.74 -26.46 19.71
CA LEU D 89 -12.56 -26.92 18.56
C LEU D 89 -13.74 -27.76 19.07
N ASP D 90 -14.95 -27.47 18.61
CA ASP D 90 -16.15 -28.32 18.85
C ASP D 90 -16.06 -29.55 17.92
N GLY D 91 -16.50 -30.72 18.39
CA GLY D 91 -16.27 -32.01 17.71
C GLY D 91 -17.39 -32.38 16.77
N ASN D 92 -18.43 -31.56 16.65
CA ASN D 92 -19.66 -31.90 15.90
C ASN D 92 -19.29 -32.11 14.42
N TYR D 93 -18.44 -31.24 13.88
CA TYR D 93 -18.03 -31.26 12.45
C TYR D 93 -16.51 -31.42 12.37
N TRP D 94 -15.94 -32.14 13.35
CA TRP D 94 -14.55 -32.67 13.31
C TRP D 94 -14.63 -34.19 13.09
N ASN D 95 -14.32 -34.64 11.88
CA ASN D 95 -14.55 -36.05 11.46
C ASN D 95 -13.83 -36.31 10.13
N TYR D 96 -13.76 -37.57 9.73
CA TYR D 96 -13.29 -38.00 8.39
C TYR D 96 -14.19 -37.38 7.31
N LYS D 97 -13.58 -37.10 6.16
CA LYS D 97 -14.19 -36.40 5.00
C LYS D 97 -15.22 -37.30 4.31
N ASN D 98 -16.32 -36.69 3.89
CA ASN D 98 -17.29 -37.23 2.89
C ASN D 98 -17.80 -36.05 2.06
N LYS D 99 -17.26 -35.88 0.85
CA LYS D 99 -17.72 -34.92 -0.21
C LYS D 99 -17.98 -33.49 0.32
N ASP D 100 -17.00 -32.82 0.94
CA ASP D 100 -17.07 -31.39 1.37
C ASP D 100 -17.72 -31.27 2.76
N SER D 101 -18.16 -32.40 3.31
CA SER D 101 -18.75 -32.51 4.67
C SER D 101 -18.04 -33.63 5.45
N VAL D 102 -18.72 -34.20 6.44
CA VAL D 102 -18.18 -35.28 7.32
C VAL D 102 -18.98 -36.56 7.10
N ILE D 103 -18.46 -37.70 7.57
CA ILE D 103 -19.16 -39.03 7.55
C ILE D 103 -20.35 -38.96 8.53
N GLY D 104 -21.35 -39.84 8.32
CA GLY D 104 -22.64 -39.91 9.04
C GLY D 104 -22.49 -40.05 10.56
N SER D 105 -21.46 -40.74 11.06
CA SER D 105 -21.28 -41.03 12.52
C SER D 105 -19.94 -40.51 13.01
N PRO D 106 -19.78 -40.15 14.30
CA PRO D 106 -18.48 -39.75 14.84
C PRO D 106 -17.46 -40.89 14.73
N TYR D 107 -16.20 -40.57 14.46
CA TYR D 107 -15.14 -41.58 14.24
C TYR D 107 -14.77 -42.23 15.57
N GLU D 108 -14.38 -43.50 15.50
CA GLU D 108 -13.98 -44.33 16.68
C GLU D 108 -12.47 -44.19 16.91
N ASN D 109 -11.67 -44.08 15.84
CA ASN D 109 -10.17 -44.13 15.91
C ASN D 109 -9.55 -43.22 14.84
N ALA D 110 -8.59 -42.38 15.23
CA ALA D 110 -7.79 -41.52 14.31
C ALA D 110 -6.35 -41.44 14.81
N VAL D 111 -5.86 -42.52 15.42
CA VAL D 111 -4.46 -42.61 15.95
C VAL D 111 -3.48 -42.25 14.82
N PRO D 112 -3.64 -42.81 13.59
CA PRO D 112 -2.70 -42.53 12.50
C PRO D 112 -2.63 -41.06 12.08
N PHE D 113 -3.49 -40.19 12.62
CA PHE D 113 -3.47 -38.74 12.32
C PHE D 113 -2.77 -38.00 13.46
N MET D 114 -2.41 -38.72 14.53
CA MET D 114 -1.90 -38.08 15.77
C MET D 114 -0.41 -37.81 15.60
N PRO D 115 0.14 -36.74 16.25
CA PRO D 115 1.57 -36.48 16.21
C PRO D 115 2.32 -37.58 16.97
N ASN D 116 3.33 -38.15 16.31
CA ASN D 116 4.15 -39.30 16.78
C ASN D 116 4.66 -39.03 18.20
N SER D 117 4.42 -39.96 19.15
CA SER D 117 4.81 -39.87 20.59
C SER D 117 6.33 -39.85 20.73
N THR D 118 7.01 -40.62 19.88
CA THR D 118 8.49 -40.81 19.86
C THR D 118 9.17 -39.53 19.36
N ALA D 119 8.66 -38.93 18.30
CA ALA D 119 9.21 -37.70 17.68
C ALA D 119 8.87 -36.51 18.56
N TYR D 120 7.65 -36.49 19.09
CA TYR D 120 7.06 -35.40 19.90
C TYR D 120 6.60 -35.96 21.24
N PRO D 121 7.53 -36.30 22.15
CA PRO D 121 7.15 -36.80 23.48
C PRO D 121 6.57 -35.69 24.37
N LYS D 122 5.63 -36.04 25.25
CA LYS D 122 5.17 -35.13 26.34
C LYS D 122 5.98 -35.41 27.59
N ILE D 123 7.30 -35.58 27.44
CA ILE D 123 8.24 -35.80 28.56
C ILE D 123 9.27 -34.66 28.52
N ILE D 124 9.24 -33.82 29.55
CA ILE D 124 9.94 -32.50 29.65
C ILE D 124 11.14 -32.63 30.59
N ASN D 125 11.22 -33.74 31.35
CA ASN D 125 12.26 -34.02 32.37
C ASN D 125 13.62 -34.14 31.67
N ASN D 126 14.31 -33.00 31.52
CA ASN D 126 15.44 -32.79 30.58
C ASN D 126 16.65 -32.31 31.41
N GLY D 127 17.10 -31.06 31.26
CA GLY D 127 17.80 -30.33 32.33
C GLY D 127 19.08 -31.03 32.76
N THR D 128 19.09 -31.61 33.96
CA THR D 128 20.25 -32.33 34.56
C THR D 128 20.45 -33.65 33.81
N ALA D 129 19.50 -34.16 33.00
CA ALA D 129 19.69 -35.33 32.11
C ALA D 129 20.98 -35.18 31.29
N ASN D 130 21.68 -36.30 31.01
CA ASN D 130 23.07 -36.30 30.50
C ASN D 130 23.03 -35.83 29.04
N PRO D 131 24.04 -35.06 28.56
CA PRO D 131 23.96 -34.43 27.23
C PRO D 131 23.51 -35.40 26.13
N GLU D 132 24.12 -36.59 26.06
CA GLU D 132 23.86 -37.60 24.99
C GLU D 132 22.38 -38.01 25.02
N ASP D 133 21.70 -37.87 26.17
CA ASP D 133 20.31 -38.36 26.40
C ASP D 133 19.30 -37.20 26.20
N LYS D 134 19.76 -35.97 25.91
CA LYS D 134 18.91 -34.75 25.91
C LYS D 134 17.80 -34.84 24.87
N LYS D 135 16.59 -34.39 25.24
CA LYS D 135 15.41 -34.37 24.36
C LYS D 135 15.13 -32.94 23.88
N SER D 136 14.54 -32.82 22.69
CA SER D 136 14.36 -31.53 21.98
C SER D 136 12.98 -30.94 22.31
N ALA D 137 12.98 -29.75 22.92
CA ALA D 137 11.77 -28.90 23.12
C ALA D 137 11.29 -28.37 21.78
N ALA D 138 12.23 -27.93 20.92
CA ALA D 138 11.96 -27.18 19.66
C ALA D 138 11.36 -28.11 18.60
N LYS D 139 11.78 -29.39 18.57
CA LYS D 139 11.35 -30.37 17.52
C LYS D 139 9.81 -30.51 17.48
N LYS D 140 9.14 -30.39 18.64
CA LYS D 140 7.66 -30.48 18.84
C LYS D 140 6.98 -29.21 18.31
N THR D 141 7.77 -28.33 17.71
CA THR D 141 7.38 -26.91 17.48
C THR D 141 7.58 -26.60 15.99
N ILE D 142 6.63 -25.87 15.40
CA ILE D 142 6.85 -25.14 14.13
C ILE D 142 6.62 -23.66 14.42
N VAL D 143 7.57 -22.79 14.06
CA VAL D 143 7.46 -21.34 14.32
C VAL D 143 7.54 -20.60 13.00
N THR D 144 6.55 -19.75 12.74
CA THR D 144 6.41 -19.02 11.45
C THR D 144 5.54 -17.78 11.68
N ASN D 145 5.14 -17.12 10.60
CA ASN D 145 4.15 -16.02 10.66
C ASN D 145 2.98 -16.38 9.75
N VAL D 146 1.77 -16.04 10.19
CA VAL D 146 0.59 -15.91 9.27
C VAL D 146 0.30 -14.42 9.17
N TYR D 147 -0.57 -14.02 8.25
CA TYR D 147 -0.83 -12.60 7.92
C TYR D 147 -2.34 -12.34 7.96
N LEU D 148 -2.75 -11.40 8.78
CA LEU D 148 -4.17 -10.99 8.93
C LEU D 148 -4.67 -10.33 7.64
N GLY D 149 -5.83 -10.78 7.16
CA GLY D 149 -6.50 -10.30 5.94
C GLY D 149 -5.71 -10.67 4.69
N GLY D 150 -4.75 -11.58 4.83
CA GLY D 150 -3.78 -11.86 3.75
C GLY D 150 -3.00 -10.63 3.35
N ASP D 151 -2.76 -9.72 4.29
CA ASP D 151 -1.97 -8.47 4.08
C ASP D 151 -0.56 -8.73 4.66
N ALA D 152 0.45 -8.55 3.81
CA ALA D 152 1.87 -8.80 4.16
C ALA D 152 2.36 -7.82 5.26
N GLY D 153 1.66 -6.72 5.50
CA GLY D 153 2.01 -5.73 6.53
C GLY D 153 1.35 -6.02 7.87
N GLN D 154 0.65 -7.15 8.01
CA GLN D 154 -0.06 -7.51 9.26
C GLN D 154 0.38 -8.91 9.73
N PRO D 155 1.68 -9.09 10.09
CA PRO D 155 2.17 -10.39 10.54
C PRO D 155 1.69 -10.77 11.94
N VAL D 156 1.52 -12.07 12.17
CA VAL D 156 1.19 -12.69 13.49
C VAL D 156 2.14 -13.88 13.71
N ALA D 157 3.01 -13.80 14.70
CA ALA D 157 3.92 -14.87 15.14
C ALA D 157 3.06 -16.08 15.49
N THR D 158 3.26 -17.20 14.82
CA THR D 158 2.42 -18.41 14.93
C THR D 158 3.31 -19.59 15.32
N THR D 159 2.96 -20.31 16.38
CA THR D 159 3.68 -21.53 16.81
C THR D 159 2.70 -22.69 16.80
N VAL D 160 2.96 -23.69 15.98
CA VAL D 160 2.25 -24.99 16.03
C VAL D 160 3.07 -25.90 16.94
N SER D 161 2.46 -26.43 18.00
CA SER D 161 3.13 -27.38 18.92
C SER D 161 2.42 -28.74 18.89
N PHE D 162 3.18 -29.82 18.93
CA PHE D 162 2.66 -31.22 18.96
C PHE D 162 2.89 -31.84 20.33
N ASN D 163 1.83 -32.37 20.94
CA ASN D 163 1.89 -33.17 22.18
C ASN D 163 2.48 -32.32 23.30
N LYS D 164 2.14 -31.03 23.35
CA LYS D 164 2.60 -30.08 24.40
C LYS D 164 1.59 -30.07 25.58
N GLU D 165 0.33 -30.44 25.34
CA GLU D 165 -0.79 -30.24 26.30
C GLU D 165 -0.92 -31.47 27.22
N THR D 166 -1.39 -31.26 28.46
CA THR D 166 -1.64 -32.33 29.48
C THR D 166 -3.11 -32.29 29.95
N GLU D 167 -3.85 -31.25 29.55
CA GLU D 167 -5.23 -30.95 29.96
C GLU D 167 -6.14 -32.13 29.63
N SER D 168 -7.16 -32.39 30.45
CA SER D 168 -8.18 -33.45 30.26
C SER D 168 -7.51 -34.82 30.06
N ASN D 169 -6.35 -35.04 30.68
CA ASN D 169 -5.57 -36.30 30.56
C ASN D 169 -5.40 -36.68 29.08
N CYS D 170 -5.11 -35.71 28.22
CA CYS D 170 -4.93 -35.97 26.77
C CYS D 170 -3.64 -36.79 26.55
N VAL D 171 -3.59 -37.62 25.51
CA VAL D 171 -2.36 -38.38 25.18
C VAL D 171 -1.67 -37.70 24.00
N TYR D 172 -2.42 -37.07 23.09
CA TYR D 172 -1.87 -36.28 21.96
C TYR D 172 -2.50 -34.89 21.95
N SER D 173 -1.87 -33.93 21.29
CA SER D 173 -2.43 -32.56 21.17
C SER D 173 -1.82 -31.82 19.99
N ILE D 174 -2.57 -30.88 19.43
CA ILE D 174 -2.06 -29.89 18.43
C ILE D 174 -2.48 -28.52 18.95
N THR D 175 -1.52 -27.63 19.17
CA THR D 175 -1.73 -26.27 19.76
C THR D 175 -1.32 -25.22 18.73
N PHE D 176 -2.16 -24.22 18.51
CA PHE D 176 -1.86 -23.02 17.68
C PHE D 176 -1.74 -21.82 18.62
N ASP D 177 -0.55 -21.26 18.81
CA ASP D 177 -0.34 -20.04 19.62
C ASP D 177 -0.16 -18.88 18.65
N PHE D 178 -0.93 -17.82 18.82
CA PHE D 178 -0.81 -16.62 17.96
C PHE D 178 -0.43 -15.44 18.84
N ALA D 179 0.44 -14.57 18.38
CA ALA D 179 0.87 -13.37 19.12
C ALA D 179 1.42 -12.32 18.16
N TRP D 180 1.29 -11.05 18.53
CA TRP D 180 1.74 -9.92 17.68
C TRP D 180 2.20 -8.77 18.60
N ASN D 181 3.17 -8.00 18.14
CA ASN D 181 3.76 -6.81 18.84
C ASN D 181 3.20 -5.53 18.19
N LYS D 182 2.91 -5.54 16.89
CA LYS D 182 2.26 -4.41 16.17
C LYS D 182 1.00 -3.99 16.94
N THR D 183 0.65 -2.71 16.96
CA THR D 183 -0.59 -2.27 17.63
C THR D 183 -1.63 -2.09 16.50
N TYR D 184 -2.37 -3.15 16.19
CA TYR D 184 -3.34 -3.21 15.06
C TYR D 184 -4.59 -2.40 15.43
N LYS D 185 -5.08 -1.60 14.47
CA LYS D 185 -6.25 -0.69 14.63
C LYS D 185 -7.38 -1.22 13.73
N ASN D 186 -8.34 -1.91 14.35
CA ASN D 186 -9.56 -2.45 13.67
C ASN D 186 -9.14 -3.41 12.56
N VAL D 187 -8.51 -4.51 12.96
CA VAL D 187 -8.07 -5.64 12.09
C VAL D 187 -8.73 -6.91 12.61
N PRO D 188 -9.73 -7.47 11.89
CA PRO D 188 -10.25 -8.79 12.23
C PRO D 188 -9.11 -9.81 12.26
N PHE D 189 -9.14 -10.72 13.22
CA PHE D 189 -8.28 -11.92 13.22
C PHE D 189 -8.83 -12.84 12.14
N ASP D 190 -8.23 -12.72 10.95
CA ASP D 190 -8.50 -13.53 9.76
C ASP D 190 -7.14 -13.96 9.21
N SER D 191 -6.66 -15.14 9.58
CA SER D 191 -5.28 -15.60 9.31
C SER D 191 -5.17 -16.15 7.88
N SER D 192 -4.11 -15.81 7.17
CA SER D 192 -3.75 -16.45 5.89
C SER D 192 -3.53 -17.94 6.16
N SER D 193 -3.72 -18.81 5.18
CA SER D 193 -3.61 -20.28 5.37
C SER D 193 -2.13 -20.63 5.59
N LEU D 194 -1.90 -21.58 6.50
CA LEU D 194 -0.57 -22.06 6.87
C LEU D 194 -0.50 -23.54 6.50
N THR D 195 0.40 -23.91 5.58
CA THR D 195 0.76 -25.31 5.30
C THR D 195 1.84 -25.75 6.31
N PHE D 196 1.71 -26.95 6.86
CA PHE D 196 2.71 -27.58 7.75
C PHE D 196 2.56 -29.09 7.67
N SER D 197 3.59 -29.80 8.14
CA SER D 197 3.55 -31.27 8.26
C SER D 197 4.09 -31.68 9.61
N TYR D 198 3.72 -32.87 10.06
CA TYR D 198 4.29 -33.49 11.26
C TYR D 198 4.33 -35.01 11.05
N ILE D 199 5.23 -35.66 11.77
CA ILE D 199 5.44 -37.12 11.69
C ILE D 199 4.24 -37.79 12.39
N ALA D 200 3.65 -38.80 11.76
CA ALA D 200 2.41 -39.46 12.23
C ALA D 200 2.73 -40.60 13.19
N GLN D 201 1.89 -40.76 14.20
CA GLN D 201 1.83 -42.00 15.03
C GLN D 201 1.43 -43.16 14.13
N ASP D 202 2.00 -44.35 14.35
CA ASP D 202 1.55 -45.60 13.67
C ASP D 202 0.21 -46.08 14.25
N ALA D 203 -0.61 -46.71 13.40
CA ALA D 203 -1.78 -47.53 13.80
C ALA D 203 -1.34 -48.58 14.82
N GLU D 204 -2.24 -48.88 15.77
CA GLU D 204 -2.11 -49.93 16.81
C GLU D 204 -1.92 -51.31 16.13
N ASP D 205 -1.21 -52.21 16.81
CA ASP D 205 -0.53 -53.42 16.23
C ASP D 205 -1.48 -54.40 15.52
N LYS D 206 -2.62 -54.76 16.14
CA LYS D 206 -3.48 -55.91 15.73
C LYS D 206 -4.95 -55.50 15.73
N ASN E 6 9.70 -51.52 6.33
CA ASN E 6 8.24 -51.78 6.34
C ASN E 6 7.54 -51.04 5.19
N ASP E 7 7.93 -49.79 4.92
CA ASP E 7 7.11 -48.80 4.15
C ASP E 7 7.60 -48.65 2.71
N LYS E 8 8.81 -48.14 2.50
CA LYS E 8 9.43 -47.89 1.16
C LYS E 8 8.90 -46.57 0.59
N LEU E 9 7.86 -45.97 1.18
CA LEU E 9 7.39 -44.60 0.83
C LEU E 9 7.96 -43.59 1.83
N THR E 10 8.74 -44.04 2.82
CA THR E 10 9.42 -43.19 3.82
C THR E 10 10.90 -43.56 3.91
N LEU E 11 11.77 -42.56 3.70
CA LEU E 11 13.24 -42.70 3.91
C LEU E 11 13.60 -41.70 5.02
N TRP E 12 14.16 -42.18 6.15
CA TRP E 12 14.34 -41.32 7.34
C TRP E 12 15.52 -41.75 8.22
N THR E 13 15.80 -40.88 9.19
CA THR E 13 16.73 -41.01 10.32
C THR E 13 15.77 -41.88 11.13
N THR E 14 15.75 -42.13 12.42
CA THR E 14 14.43 -42.57 12.95
C THR E 14 13.76 -41.29 13.42
N PRO E 15 12.53 -41.32 13.96
CA PRO E 15 11.93 -40.11 14.54
C PRO E 15 12.59 -39.66 15.85
N ASP E 16 13.24 -40.58 16.58
CA ASP E 16 13.98 -40.28 17.84
C ASP E 16 15.39 -40.86 17.78
N PRO E 17 16.25 -40.33 16.89
CA PRO E 17 17.57 -40.90 16.66
C PRO E 17 18.56 -40.66 17.80
N SER E 18 19.51 -41.59 17.94
CA SER E 18 20.81 -41.39 18.65
C SER E 18 21.61 -40.32 17.91
N PRO E 19 22.65 -39.72 18.51
CA PRO E 19 23.53 -38.82 17.77
C PRO E 19 23.93 -39.53 16.48
N ASN E 20 23.71 -38.87 15.34
CA ASN E 20 23.81 -39.46 13.98
C ASN E 20 24.45 -38.47 13.01
N CYS E 21 24.99 -37.34 13.49
CA CYS E 21 25.33 -36.20 12.60
C CYS E 21 26.57 -35.45 13.10
N LYS E 22 27.35 -34.92 12.16
CA LYS E 22 28.53 -34.08 12.41
C LYS E 22 28.23 -32.63 11.97
N VAL E 23 28.14 -31.73 12.95
CA VAL E 23 28.15 -30.26 12.73
C VAL E 23 29.60 -29.77 12.84
N SER E 24 30.28 -30.02 13.99
CA SER E 24 31.70 -29.68 14.27
C SER E 24 32.55 -30.95 14.35
N GLU E 25 32.11 -31.92 15.16
CA GLU E 25 32.80 -33.21 15.40
C GLU E 25 31.78 -34.37 15.24
N GLU E 26 32.30 -35.59 15.08
CA GLU E 26 31.54 -36.84 14.90
C GLU E 26 30.49 -36.99 16.01
N LYS E 27 29.25 -37.31 15.63
CA LYS E 27 28.12 -37.64 16.54
C LYS E 27 27.92 -36.54 17.59
N ASP E 28 27.99 -35.27 17.19
CA ASP E 28 27.79 -34.12 18.10
C ASP E 28 26.34 -33.63 18.00
N SER E 29 25.52 -34.28 17.19
CA SER E 29 24.14 -33.80 16.93
C SER E 29 23.20 -34.92 16.48
N LYS E 30 21.91 -34.67 16.68
CA LYS E 30 20.77 -35.50 16.23
C LYS E 30 20.05 -34.72 15.12
N LEU E 31 20.22 -35.20 13.89
CA LEU E 31 19.41 -34.76 12.73
C LEU E 31 18.23 -35.71 12.62
N THR E 32 17.02 -35.18 12.76
CA THR E 32 15.74 -35.87 12.45
C THR E 32 15.32 -35.38 11.07
N LEU E 33 15.43 -36.25 10.07
CA LEU E 33 15.04 -35.95 8.67
C LEU E 33 14.11 -37.07 8.21
N VAL E 34 12.88 -36.71 7.82
CA VAL E 34 11.89 -37.65 7.24
C VAL E 34 11.58 -37.21 5.83
N LEU E 35 11.91 -38.06 4.85
CA LEU E 35 11.51 -37.92 3.43
C LEU E 35 10.35 -38.87 3.19
N THR E 36 9.17 -38.33 2.86
CA THR E 36 7.94 -39.08 2.53
C THR E 36 7.62 -38.86 1.05
N LYS E 37 7.45 -39.94 0.28
CA LYS E 37 7.15 -39.84 -1.16
C LYS E 37 5.65 -39.57 -1.31
N CYS E 38 5.28 -38.39 -1.85
CA CYS E 38 3.90 -37.96 -2.23
C CYS E 38 3.99 -37.80 -3.77
N GLY E 39 4.04 -38.93 -4.49
CA GLY E 39 4.23 -39.05 -5.94
C GLY E 39 5.45 -38.30 -6.46
N SER E 40 5.21 -37.29 -7.30
CA SER E 40 6.27 -36.53 -8.03
C SER E 40 7.10 -35.65 -7.08
N GLN E 41 6.65 -35.46 -5.83
CA GLN E 41 7.39 -34.61 -4.85
C GLN E 41 7.72 -35.42 -3.61
N ILE E 42 8.82 -35.07 -2.95
CA ILE E 42 9.17 -35.53 -1.57
C ILE E 42 8.67 -34.47 -0.58
N LEU E 43 7.90 -34.92 0.43
CA LEU E 43 7.46 -34.12 1.57
C LEU E 43 8.44 -34.40 2.70
N ALA E 44 9.08 -33.36 3.22
CA ALA E 44 10.23 -33.48 4.12
C ALA E 44 9.98 -32.68 5.40
N SER E 45 10.43 -33.23 6.51
CA SER E 45 10.45 -32.62 7.86
C SER E 45 11.86 -32.73 8.42
N VAL E 46 12.46 -31.61 8.83
CA VAL E 46 13.86 -31.59 9.34
C VAL E 46 13.91 -30.76 10.63
N SER E 47 14.61 -31.32 11.62
CA SER E 47 14.93 -30.69 12.93
C SER E 47 16.35 -31.12 13.30
N LEU E 48 17.11 -30.21 13.92
CA LEU E 48 18.52 -30.45 14.31
C LEU E 48 18.69 -30.08 15.79
N LEU E 49 19.07 -31.04 16.62
CA LEU E 49 19.52 -30.77 18.01
C LEU E 49 21.02 -31.06 18.08
N VAL E 50 21.85 -30.08 18.41
CA VAL E 50 23.28 -30.39 18.65
C VAL E 50 23.49 -30.55 20.16
N VAL E 51 24.10 -31.67 20.54
CA VAL E 51 24.17 -32.18 21.94
C VAL E 51 25.57 -31.97 22.52
N LYS E 52 26.60 -31.73 21.71
CA LYS E 52 27.95 -31.34 22.20
C LYS E 52 28.71 -30.51 21.16
N GLY E 53 29.80 -29.86 21.59
CA GLY E 53 30.72 -29.08 20.75
C GLY E 53 30.37 -27.60 20.67
N LYS E 54 30.90 -26.97 19.61
CA LYS E 54 30.83 -25.53 19.25
C LYS E 54 29.40 -24.99 19.35
N PHE E 55 28.43 -25.77 18.88
CA PHE E 55 27.04 -25.30 18.64
C PHE E 55 26.04 -25.88 19.66
N ALA E 56 26.47 -26.59 20.70
CA ALA E 56 25.58 -27.19 21.74
C ALA E 56 25.08 -26.11 22.67
N ASN E 57 25.88 -25.06 22.83
CA ASN E 57 25.56 -23.89 23.67
C ASN E 57 26.16 -22.64 23.03
N ILE E 58 25.46 -22.07 22.05
CA ILE E 58 25.96 -20.89 21.27
C ILE E 58 26.16 -19.75 22.25
N ASN E 59 27.34 -19.14 22.25
CA ASN E 59 27.58 -17.89 23.00
C ASN E 59 28.48 -17.00 22.15
N ASN E 60 27.87 -16.10 21.38
CA ASN E 60 28.58 -15.22 20.41
C ASN E 60 29.12 -14.00 21.15
N GLU E 61 28.86 -13.84 22.45
CA GLU E 61 29.54 -12.82 23.30
C GLU E 61 30.98 -13.31 23.54
N THR E 62 31.14 -14.57 23.93
CA THR E 62 32.44 -15.18 24.29
C THR E 62 33.12 -15.74 23.03
N ASN E 63 32.34 -16.07 22.00
CA ASN E 63 32.86 -16.58 20.70
C ASN E 63 32.30 -15.70 19.55
N PRO E 64 32.76 -14.44 19.40
CA PRO E 64 32.16 -13.50 18.45
C PRO E 64 32.35 -13.84 16.97
N GLY E 65 33.40 -14.60 16.62
CA GLY E 65 33.77 -14.82 15.21
C GLY E 65 32.64 -15.42 14.38
N GLU E 66 32.78 -15.38 13.07
CA GLU E 66 31.72 -15.69 12.09
C GLU E 66 31.60 -17.23 11.94
N ASP E 67 32.66 -17.96 12.28
CA ASP E 67 32.68 -19.44 12.22
C ASP E 67 31.82 -20.01 13.37
N TYR E 68 31.44 -19.18 14.35
CA TYR E 68 30.55 -19.55 15.49
C TYR E 68 29.11 -19.07 15.24
N LYS E 69 28.82 -18.50 14.07
CA LYS E 69 27.49 -17.93 13.73
C LYS E 69 26.90 -18.58 12.48
N LYS E 70 27.51 -19.67 12.00
CA LYS E 70 26.95 -20.46 10.87
C LYS E 70 27.57 -21.85 10.84
N PHE E 71 26.89 -22.76 10.15
CA PHE E 71 27.41 -24.09 9.76
C PHE E 71 26.47 -24.72 8.76
N SER E 72 26.90 -25.82 8.17
CA SER E 72 26.22 -26.51 7.06
C SER E 72 26.14 -28.00 7.41
N VAL E 73 25.06 -28.66 7.01
CA VAL E 73 24.88 -30.13 7.16
C VAL E 73 24.59 -30.65 5.74
N LYS E 74 25.40 -31.57 5.23
CA LYS E 74 25.33 -32.11 3.86
C LYS E 74 24.93 -33.58 3.90
N LEU E 75 23.97 -33.97 3.06
CA LEU E 75 23.76 -35.38 2.65
C LEU E 75 24.25 -35.53 1.21
N LEU E 76 25.24 -36.39 0.99
CA LEU E 76 25.81 -36.69 -0.34
C LEU E 76 25.25 -38.05 -0.77
N PHE E 77 24.73 -38.17 -2.00
CA PHE E 77 24.17 -39.43 -2.52
C PHE E 77 24.86 -39.84 -3.81
N ASP E 78 24.98 -41.15 -4.04
CA ASP E 78 25.55 -41.74 -5.28
C ASP E 78 24.42 -41.94 -6.29
N ALA E 79 24.72 -42.49 -7.46
CA ALA E 79 23.79 -42.71 -8.59
C ALA E 79 22.56 -43.50 -8.12
N ASN E 80 22.70 -44.36 -7.09
CA ASN E 80 21.60 -45.24 -6.60
C ASN E 80 20.90 -44.63 -5.39
N GLY E 81 21.30 -43.42 -4.98
CA GLY E 81 20.65 -42.72 -3.85
C GLY E 81 21.20 -43.16 -2.52
N LYS E 82 22.29 -43.92 -2.49
CA LYS E 82 22.96 -44.35 -1.22
C LYS E 82 23.75 -43.16 -0.67
N LEU E 83 23.80 -43.07 0.66
CA LEU E 83 24.49 -42.01 1.44
C LEU E 83 26.00 -42.23 1.30
N LEU E 84 26.77 -41.24 0.87
CA LEU E 84 28.25 -41.36 0.72
C LEU E 84 28.93 -40.84 1.99
N THR E 85 30.19 -41.23 2.18
CA THR E 85 30.91 -41.18 3.47
C THR E 85 31.15 -39.74 3.92
N GLY E 86 31.52 -38.82 3.01
CA GLY E 86 31.77 -37.41 3.38
C GLY E 86 30.53 -36.71 3.93
N SER E 87 29.36 -37.37 4.00
CA SER E 87 28.10 -36.77 4.49
C SER E 87 28.25 -36.41 5.97
N SER E 88 27.57 -35.36 6.39
CA SER E 88 27.39 -34.98 7.82
C SER E 88 26.65 -36.10 8.56
N LEU E 89 25.64 -36.68 7.92
CA LEU E 89 24.77 -37.74 8.51
C LEU E 89 25.48 -39.10 8.44
N ASP E 90 25.53 -39.83 9.54
CA ASP E 90 25.98 -41.24 9.55
C ASP E 90 24.86 -42.12 8.99
N GLY E 91 25.21 -43.17 8.22
CA GLY E 91 24.26 -43.95 7.41
C GLY E 91 23.68 -45.13 8.15
N ASN E 92 24.10 -45.39 9.38
CA ASN E 92 23.75 -46.64 10.09
C ASN E 92 22.24 -46.69 10.29
N TYR E 93 21.61 -45.56 10.64
CA TYR E 93 20.14 -45.47 10.93
C TYR E 93 19.53 -44.43 9.97
N TRP E 94 20.10 -44.34 8.76
CA TRP E 94 19.48 -43.67 7.57
C TRP E 94 19.02 -44.77 6.61
N ASN E 95 17.71 -45.02 6.56
CA ASN E 95 17.14 -46.19 5.87
C ASN E 95 15.62 -46.02 5.73
N TYR E 96 15.00 -46.88 4.93
CA TYR E 96 13.53 -47.01 4.80
C TYR E 96 12.94 -47.38 6.17
N LYS E 97 11.73 -46.89 6.42
CA LYS E 97 10.97 -47.00 7.69
C LYS E 97 10.51 -48.45 7.89
N ASN E 98 10.59 -48.90 9.15
CA ASN E 98 9.91 -50.11 9.67
C ASN E 98 9.49 -49.80 11.11
N LYS E 99 8.21 -49.51 11.32
CA LYS E 99 7.54 -49.33 12.64
C LYS E 99 8.34 -48.45 13.64
N ASP E 100 8.69 -47.21 13.31
CA ASP E 100 9.32 -46.21 14.22
C ASP E 100 10.86 -46.40 14.25
N SER E 101 11.36 -47.41 13.51
CA SER E 101 12.80 -47.71 13.35
C SER E 101 13.12 -47.84 11.85
N VAL E 102 14.19 -48.56 11.52
CA VAL E 102 14.64 -48.80 10.11
C VAL E 102 14.50 -50.28 9.77
N ILE E 103 14.58 -50.62 8.48
CA ILE E 103 14.59 -52.02 7.97
C ILE E 103 15.90 -52.70 8.40
N GLY E 104 15.88 -54.04 8.45
CA GLY E 104 16.99 -54.90 8.93
C GLY E 104 18.31 -54.70 8.18
N SER E 105 18.27 -54.38 6.87
CA SER E 105 19.46 -54.29 5.99
C SER E 105 19.57 -52.90 5.37
N PRO E 106 20.80 -52.39 5.08
CA PRO E 106 20.95 -51.11 4.39
C PRO E 106 20.30 -51.14 3.00
N TYR E 107 19.69 -50.05 2.56
CA TYR E 107 18.97 -49.99 1.27
C TYR E 107 19.96 -50.00 0.11
N GLU E 108 19.54 -50.57 -1.00
CA GLU E 108 20.33 -50.70 -2.25
C GLU E 108 20.04 -49.49 -3.16
N ASN E 109 18.79 -49.01 -3.18
CA ASN E 109 18.32 -47.96 -4.14
C ASN E 109 17.31 -47.02 -3.48
N ALA E 110 17.51 -45.70 -3.61
CA ALA E 110 16.55 -44.67 -3.16
C ALA E 110 16.54 -43.50 -4.17
N VAL E 111 16.72 -43.82 -5.45
CA VAL E 111 16.71 -42.82 -6.57
C VAL E 111 15.42 -42.01 -6.47
N PRO E 112 14.24 -42.66 -6.31
CA PRO E 112 12.96 -41.95 -6.26
C PRO E 112 12.84 -40.92 -5.13
N PHE E 113 13.79 -40.88 -4.20
CA PHE E 113 13.79 -39.90 -3.07
C PHE E 113 14.74 -38.75 -3.41
N MET E 114 15.49 -38.85 -4.51
CA MET E 114 16.59 -37.92 -4.82
C MET E 114 16.01 -36.65 -5.46
N PRO E 115 16.62 -35.47 -5.26
CA PRO E 115 16.15 -34.25 -5.91
C PRO E 115 16.38 -34.35 -7.43
N ASN E 116 15.34 -34.09 -8.21
CA ASN E 116 15.30 -34.22 -9.69
C ASN E 116 16.50 -33.50 -10.32
N SER E 117 17.28 -34.21 -11.16
CA SER E 117 18.52 -33.69 -11.83
C SER E 117 18.18 -32.56 -12.80
N THR E 118 17.02 -32.69 -13.47
CA THR E 118 16.50 -31.76 -14.51
C THR E 118 16.06 -30.45 -13.85
N ALA E 119 15.33 -30.54 -12.73
CA ALA E 119 14.78 -29.38 -12.00
C ALA E 119 15.92 -28.69 -11.26
N TYR E 120 16.82 -29.51 -10.68
CA TYR E 120 17.95 -29.08 -9.82
C TYR E 120 19.25 -29.62 -10.39
N PRO E 121 19.75 -29.07 -11.51
CA PRO E 121 21.00 -29.53 -12.13
C PRO E 121 22.23 -29.15 -11.31
N LYS E 122 23.25 -29.99 -11.31
CA LYS E 122 24.41 -29.92 -10.36
C LYS E 122 25.18 -28.63 -10.62
N ILE E 123 25.35 -28.24 -11.87
CA ILE E 123 26.24 -27.11 -12.25
C ILE E 123 25.42 -26.11 -13.04
N ILE E 124 25.23 -24.91 -12.48
CA ILE E 124 24.63 -23.72 -13.18
C ILE E 124 25.76 -22.79 -13.61
N ASN E 125 25.86 -22.58 -14.92
CA ASN E 125 26.96 -21.86 -15.60
C ASN E 125 26.41 -21.47 -16.99
N ASN E 126 25.60 -20.41 -17.03
CA ASN E 126 24.78 -20.02 -18.20
C ASN E 126 24.89 -18.51 -18.43
N GLY E 127 25.72 -17.79 -17.67
CA GLY E 127 26.04 -16.37 -17.95
C GLY E 127 26.06 -16.10 -19.44
N THR E 128 26.95 -16.78 -20.16
CA THR E 128 27.26 -16.60 -21.61
C THR E 128 26.07 -17.11 -22.44
N ALA E 129 25.34 -18.11 -21.92
CA ALA E 129 24.17 -18.74 -22.59
C ALA E 129 23.17 -17.65 -22.98
N ASN E 130 22.39 -17.91 -24.05
CA ASN E 130 21.23 -17.09 -24.47
C ASN E 130 20.17 -17.07 -23.37
N PRO E 131 19.45 -15.93 -23.17
CA PRO E 131 18.38 -15.84 -22.18
C PRO E 131 17.46 -17.08 -22.12
N GLU E 132 16.98 -17.52 -23.28
CA GLU E 132 16.03 -18.67 -23.43
C GLU E 132 16.61 -19.93 -22.77
N ASP E 133 17.94 -20.05 -22.71
CA ASP E 133 18.66 -21.28 -22.25
C ASP E 133 19.05 -21.16 -20.77
N LYS E 134 18.81 -20.00 -20.13
CA LYS E 134 19.29 -19.69 -18.75
C LYS E 134 18.66 -20.64 -17.74
N LYS E 135 19.47 -21.12 -16.79
CA LYS E 135 19.06 -22.03 -15.71
C LYS E 135 19.01 -21.23 -14.40
N SER E 136 18.17 -21.68 -13.48
CA SER E 136 17.87 -21.01 -12.19
C SER E 136 18.78 -21.53 -11.08
N ALA E 137 19.58 -20.64 -10.50
CA ALA E 137 20.38 -20.88 -9.27
C ALA E 137 19.43 -21.04 -8.08
N ALA E 138 18.41 -20.17 -7.99
CA ALA E 138 17.50 -20.02 -6.84
C ALA E 138 16.56 -21.22 -6.72
N LYS E 139 16.12 -21.80 -7.84
CA LYS E 139 15.14 -22.91 -7.87
C LYS E 139 15.63 -24.12 -7.05
N LYS E 140 16.95 -24.36 -7.01
CA LYS E 140 17.62 -25.45 -6.25
C LYS E 140 17.61 -25.15 -4.75
N THR E 141 16.96 -24.06 -4.37
CA THR E 141 17.13 -23.39 -3.06
C THR E 141 15.76 -23.23 -2.41
N ILE E 142 15.66 -23.50 -1.12
CA ILE E 142 14.54 -23.02 -0.27
C ILE E 142 15.15 -22.14 0.83
N VAL E 143 14.65 -20.92 1.01
CA VAL E 143 15.17 -19.95 2.00
C VAL E 143 14.04 -19.59 2.97
N THR E 144 14.30 -19.77 4.24
CA THR E 144 13.29 -19.64 5.32
C THR E 144 14.03 -19.45 6.65
N ASN E 145 13.30 -19.45 7.76
CA ASN E 145 13.89 -19.39 9.12
C ASN E 145 13.41 -20.61 9.89
N VAL E 146 14.28 -21.16 10.73
CA VAL E 146 13.87 -22.02 11.87
C VAL E 146 14.14 -21.21 13.15
N TYR E 147 13.66 -21.67 14.30
CA TYR E 147 13.69 -20.93 15.57
C TYR E 147 14.25 -21.83 16.67
N LEU E 148 15.33 -21.38 17.31
CA LEU E 148 16.03 -22.11 18.39
C LEU E 148 15.13 -22.16 19.63
N GLY E 149 14.96 -23.36 20.18
CA GLY E 149 14.13 -23.63 21.37
C GLY E 149 12.65 -23.50 21.04
N GLY E 150 12.29 -23.37 19.78
CA GLY E 150 10.93 -22.97 19.38
C GLY E 150 10.54 -21.61 19.96
N ASP E 151 11.52 -20.73 20.12
CA ASP E 151 11.30 -19.32 20.53
C ASP E 151 11.31 -18.43 19.29
N ALA E 152 10.25 -17.66 19.10
CA ALA E 152 10.03 -16.76 17.94
C ALA E 152 11.09 -15.63 17.91
N GLY E 153 11.77 -15.38 19.03
CA GLY E 153 12.79 -14.31 19.16
C GLY E 153 14.17 -14.83 18.84
N GLN E 154 14.31 -16.09 18.43
CA GLN E 154 15.62 -16.73 18.17
C GLN E 154 15.66 -17.31 16.75
N PRO E 155 15.54 -16.47 15.71
CA PRO E 155 15.52 -16.92 14.33
C PRO E 155 16.90 -17.35 13.84
N VAL E 156 16.92 -18.31 12.93
CA VAL E 156 18.12 -18.82 12.21
C VAL E 156 17.77 -18.92 10.73
N ALA E 157 18.41 -18.08 9.89
CA ALA E 157 18.29 -18.10 8.43
C ALA E 157 18.70 -19.51 7.98
N THR E 158 17.81 -20.22 7.29
CA THR E 158 17.97 -21.64 6.89
C THR E 158 17.81 -21.71 5.36
N THR E 159 18.82 -22.23 4.66
CA THR E 159 18.73 -22.48 3.19
C THR E 159 18.87 -23.98 2.96
N VAL E 160 17.82 -24.60 2.41
CA VAL E 160 17.88 -25.99 1.90
C VAL E 160 18.26 -25.89 0.42
N SER E 161 19.34 -26.55 0.01
CA SER E 161 19.80 -26.59 -1.40
C SER E 161 19.79 -28.05 -1.90
N PHE E 162 19.36 -28.24 -3.14
CA PHE E 162 19.31 -29.55 -3.82
C PHE E 162 20.41 -29.61 -4.88
N ASN E 163 21.22 -30.66 -4.85
CA ASN E 163 22.20 -31.00 -5.91
C ASN E 163 23.20 -29.85 -6.08
N LYS E 164 23.60 -29.21 -4.99
CA LYS E 164 24.60 -28.12 -4.95
C LYS E 164 26.02 -28.69 -4.74
N GLU E 165 26.15 -29.90 -4.17
CA GLU E 165 27.44 -30.46 -3.70
C GLU E 165 28.15 -31.24 -4.83
N THR E 166 29.48 -31.29 -4.81
CA THR E 166 30.34 -32.03 -5.79
C THR E 166 31.24 -33.04 -5.08
N GLU E 167 31.30 -32.97 -3.74
CA GLU E 167 32.20 -33.74 -2.85
C GLU E 167 31.96 -35.24 -3.06
N SER E 168 32.99 -36.06 -2.92
CA SER E 168 32.94 -37.55 -3.02
C SER E 168 32.30 -37.98 -4.34
N ASN E 169 32.47 -37.19 -5.41
CA ASN E 169 31.88 -37.46 -6.75
C ASN E 169 30.37 -37.76 -6.62
N CYS E 170 29.65 -37.03 -5.78
CA CYS E 170 28.19 -37.29 -5.53
C CYS E 170 27.40 -36.96 -6.79
N VAL E 171 26.26 -37.60 -6.99
CA VAL E 171 25.34 -37.33 -8.13
C VAL E 171 24.20 -36.43 -7.65
N TYR E 172 23.74 -36.67 -6.43
CA TYR E 172 22.65 -35.88 -5.78
C TYR E 172 23.13 -35.40 -4.42
N SER E 173 22.49 -34.36 -3.88
CA SER E 173 22.80 -33.86 -2.52
C SER E 173 21.60 -33.08 -1.94
N ILE E 174 21.50 -33.07 -0.63
CA ILE E 174 20.61 -32.15 0.14
C ILE E 174 21.48 -31.47 1.18
N THR E 175 21.57 -30.14 1.14
CA THR E 175 22.42 -29.31 2.02
C THR E 175 21.52 -28.40 2.88
N PHE E 176 21.76 -28.35 4.18
CA PHE E 176 21.10 -27.44 5.14
C PHE E 176 22.15 -26.44 5.61
N ASP E 177 22.04 -25.17 5.23
CA ASP E 177 22.94 -24.08 5.68
C ASP E 177 22.18 -23.30 6.75
N PHE E 178 22.78 -23.11 7.92
CA PHE E 178 22.19 -22.31 9.01
C PHE E 178 23.10 -21.13 9.28
N ALA E 179 22.52 -19.96 9.55
CA ALA E 179 23.29 -18.73 9.85
C ALA E 179 22.39 -17.77 10.64
N TRP E 180 23.00 -16.97 11.50
CA TRP E 180 22.25 -16.00 12.35
C TRP E 180 23.10 -14.77 12.56
N ASN E 181 22.46 -13.61 12.69
CA ASN E 181 23.10 -12.28 12.93
C ASN E 181 22.98 -11.89 14.39
N LYS E 182 21.91 -12.31 15.08
CA LYS E 182 21.70 -12.09 16.53
C LYS E 182 22.94 -12.63 17.26
N THR E 183 23.33 -12.00 18.37
CA THR E 183 24.49 -12.49 19.17
C THR E 183 23.87 -13.26 20.35
N TYR E 184 23.64 -14.56 20.17
CA TYR E 184 22.92 -15.44 21.14
C TYR E 184 23.85 -15.74 22.32
N LYS E 185 23.32 -15.67 23.54
CA LYS E 185 24.06 -15.92 24.81
C LYS E 185 23.51 -17.20 25.44
N ASN E 186 24.25 -18.31 25.28
CA ASN E 186 23.94 -19.63 25.87
C ASN E 186 22.59 -20.10 25.36
N VAL E 187 22.52 -20.33 24.06
CA VAL E 187 21.33 -20.87 23.32
C VAL E 187 21.77 -22.15 22.62
N PRO E 188 21.31 -23.32 23.09
CA PRO E 188 21.56 -24.55 22.35
C PRO E 188 21.01 -24.42 20.92
N PHE E 189 21.73 -24.93 19.94
CA PHE E 189 21.16 -25.14 18.59
C PHE E 189 20.19 -26.31 18.67
N ASP E 190 18.93 -25.97 18.88
CA ASP E 190 17.75 -26.90 18.92
C ASP E 190 16.66 -26.27 18.04
N SER E 191 16.59 -26.69 16.78
CA SER E 191 15.79 -26.01 15.73
C SER E 191 14.34 -26.50 15.79
N SER E 192 13.38 -25.57 15.65
CA SER E 192 11.95 -25.88 15.36
C SER E 192 11.90 -26.69 14.07
N SER E 193 10.88 -27.51 13.87
CA SER E 193 10.78 -28.37 12.66
C SER E 193 10.46 -27.49 11.45
N LEU E 194 11.05 -27.83 10.32
CA LEU E 194 10.84 -27.16 9.03
C LEU E 194 10.20 -28.17 8.07
N THR E 195 9.01 -27.88 7.57
CA THR E 195 8.37 -28.61 6.45
C THR E 195 8.88 -28.01 5.14
N PHE E 196 9.22 -28.85 4.17
CA PHE E 196 9.59 -28.43 2.79
C PHE E 196 9.31 -29.59 1.82
N SER E 197 9.27 -29.26 0.53
CA SER E 197 9.09 -30.25 -0.55
C SER E 197 10.11 -29.99 -1.65
N TYR E 198 10.42 -31.00 -2.44
CA TYR E 198 11.23 -30.86 -3.68
C TYR E 198 10.72 -31.88 -4.70
N ILE E 199 10.96 -31.59 -5.96
CA ILE E 199 10.55 -32.46 -7.09
C ILE E 199 11.47 -33.69 -7.07
N ALA E 200 10.90 -34.88 -7.19
CA ALA E 200 11.64 -36.16 -7.08
C ALA E 200 12.21 -36.57 -8.43
N GLN E 201 13.40 -37.18 -8.42
CA GLN E 201 13.93 -37.97 -9.56
C GLN E 201 13.01 -39.17 -9.79
N ASP E 202 12.75 -39.53 -11.06
CA ASP E 202 12.02 -40.78 -11.40
C ASP E 202 12.92 -41.99 -11.22
N ALA E 203 12.37 -43.14 -10.84
CA ALA E 203 13.03 -44.47 -10.98
C ALA E 203 13.42 -44.68 -12.45
N GLU E 204 14.56 -45.34 -12.69
CA GLU E 204 15.04 -45.70 -14.05
C GLU E 204 14.10 -46.77 -14.65
N ASP E 205 14.00 -46.81 -15.98
CA ASP E 205 13.58 -48.02 -16.76
C ASP E 205 14.62 -49.16 -16.65
N LYS E 206 14.21 -50.39 -17.04
CA LYS E 206 15.04 -51.63 -17.19
C LYS E 206 16.35 -51.55 -16.39
N LYS F 4 3.91 -48.95 -13.31
CA LYS F 4 3.87 -48.82 -11.83
C LYS F 4 3.54 -47.37 -11.46
N ASN F 5 3.81 -46.43 -12.36
CA ASN F 5 3.73 -44.96 -12.14
C ASN F 5 2.43 -44.41 -12.73
N ASN F 6 1.37 -44.21 -11.92
CA ASN F 6 0.21 -43.39 -12.35
C ASN F 6 0.58 -41.90 -12.17
N ASP F 7 0.53 -41.16 -13.29
CA ASP F 7 1.10 -39.81 -13.47
C ASP F 7 -0.04 -38.78 -13.60
N LYS F 8 -1.31 -39.18 -13.50
CA LYS F 8 -2.49 -38.26 -13.37
C LYS F 8 -2.61 -37.74 -11.93
N LEU F 9 -1.63 -38.04 -11.07
CA LEU F 9 -1.53 -37.52 -9.67
C LEU F 9 -0.59 -36.31 -9.65
N THR F 10 0.01 -35.94 -10.79
CA THR F 10 0.86 -34.73 -10.94
C THR F 10 0.39 -33.91 -12.14
N LEU F 11 0.12 -32.64 -11.92
CA LEU F 11 -0.18 -31.63 -12.97
C LEU F 11 0.91 -30.57 -12.89
N TRP F 12 1.67 -30.36 -13.97
CA TRP F 12 2.89 -29.51 -13.90
C TRP F 12 3.26 -28.86 -15.24
N THR F 13 4.26 -27.98 -15.13
CA THR F 13 4.85 -27.16 -16.21
C THR F 13 5.98 -27.92 -16.91
N THR F 14 6.28 -29.12 -16.39
CA THR F 14 7.54 -29.88 -16.55
C THR F 14 8.58 -29.27 -15.62
N PRO F 15 9.56 -30.09 -15.14
CA PRO F 15 10.53 -29.63 -14.17
C PRO F 15 11.58 -28.68 -14.74
N ASP F 16 11.83 -28.74 -16.06
CA ASP F 16 12.84 -27.85 -16.72
C ASP F 16 12.20 -27.27 -17.98
N PRO F 17 11.21 -26.36 -17.81
CA PRO F 17 10.48 -25.81 -18.95
C PRO F 17 11.31 -24.82 -19.79
N SER F 18 10.99 -24.74 -21.09
CA SER F 18 11.30 -23.58 -21.96
C SER F 18 10.53 -22.37 -21.45
N PRO F 19 10.89 -21.13 -21.86
CA PRO F 19 10.10 -19.96 -21.50
C PRO F 19 8.63 -20.29 -21.78
N ASN F 20 7.77 -20.11 -20.77
CA ASN F 20 6.38 -20.61 -20.76
C ASN F 20 5.46 -19.57 -20.10
N CYS F 21 5.93 -18.37 -19.79
CA CYS F 21 5.21 -17.46 -18.87
C CYS F 21 5.40 -15.99 -19.25
N LYS F 22 4.37 -15.18 -19.00
CA LYS F 22 4.35 -13.71 -19.23
C LYS F 22 4.32 -12.97 -17.89
N VAL F 23 5.41 -12.30 -17.55
CA VAL F 23 5.47 -11.28 -16.45
C VAL F 23 5.19 -9.89 -17.07
N SER F 24 6.00 -9.47 -18.05
CA SER F 24 5.87 -8.17 -18.79
C SER F 24 5.45 -8.42 -20.25
N GLU F 25 6.15 -9.31 -20.95
CA GLU F 25 5.87 -9.71 -22.35
C GLU F 25 5.86 -11.25 -22.46
N GLU F 26 5.31 -11.75 -23.56
CA GLU F 26 5.19 -13.19 -23.94
C GLU F 26 6.55 -13.88 -23.75
N LYS F 27 6.54 -15.05 -23.09
CA LYS F 27 7.69 -15.97 -22.96
C LYS F 27 8.94 -15.23 -22.43
N ASP F 28 8.77 -14.35 -21.45
CA ASP F 28 9.91 -13.58 -20.84
C ASP F 28 10.35 -14.31 -19.56
N SER F 29 9.73 -15.44 -19.22
CA SER F 29 10.03 -16.15 -17.98
C SER F 29 9.73 -17.65 -18.07
N LYS F 30 10.40 -18.38 -17.18
CA LYS F 30 10.19 -19.82 -16.90
C LYS F 30 9.51 -19.94 -15.52
N LEU F 31 8.25 -20.31 -15.52
CA LEU F 31 7.52 -20.73 -14.30
C LEU F 31 7.66 -22.25 -14.21
N THR F 32 8.27 -22.74 -13.14
CA THR F 32 8.21 -24.16 -12.72
C THR F 32 7.14 -24.25 -11.63
N LEU F 33 6.01 -24.88 -11.96
CA LEU F 33 4.91 -25.16 -11.01
C LEU F 33 4.60 -26.67 -11.05
N VAL F 34 4.71 -27.35 -9.92
CA VAL F 34 4.30 -28.78 -9.77
C VAL F 34 3.14 -28.87 -8.76
N LEU F 35 1.98 -29.32 -9.23
CA LEU F 35 0.81 -29.67 -8.39
C LEU F 35 0.77 -31.19 -8.25
N THR F 36 0.92 -31.70 -7.04
CA THR F 36 0.85 -33.15 -6.70
C THR F 36 -0.39 -33.40 -5.83
N LYS F 37 -1.25 -34.34 -6.23
CA LYS F 37 -2.50 -34.63 -5.50
C LYS F 37 -2.15 -35.56 -4.35
N CYS F 38 -2.36 -35.10 -3.11
CA CYS F 38 -2.31 -35.87 -1.85
C CYS F 38 -3.75 -35.88 -1.31
N GLY F 39 -4.65 -36.62 -1.96
CA GLY F 39 -6.10 -36.69 -1.65
C GLY F 39 -6.80 -35.33 -1.59
N SER F 40 -7.27 -34.94 -0.41
CA SER F 40 -8.08 -33.71 -0.17
C SER F 40 -7.22 -32.44 -0.33
N GLN F 41 -5.90 -32.53 -0.40
CA GLN F 41 -5.05 -31.33 -0.60
C GLN F 41 -4.15 -31.51 -1.83
N ILE F 42 -3.79 -30.40 -2.46
CA ILE F 42 -2.70 -30.32 -3.48
C ILE F 42 -1.42 -29.87 -2.78
N LEU F 43 -0.33 -30.60 -2.98
CA LEU F 43 1.04 -30.23 -2.56
C LEU F 43 1.71 -29.58 -3.77
N ALA F 44 2.17 -28.34 -3.61
CA ALA F 44 2.66 -27.48 -4.71
C ALA F 44 4.07 -27.00 -4.42
N SER F 45 4.89 -26.92 -5.47
CA SER F 45 6.21 -26.27 -5.53
C SER F 45 6.22 -25.26 -6.68
N VAL F 46 6.61 -24.03 -6.42
CA VAL F 46 6.68 -22.95 -7.44
C VAL F 46 8.02 -22.20 -7.34
N SER F 47 8.61 -21.95 -8.50
CA SER F 47 9.81 -21.09 -8.71
C SER F 47 9.65 -20.34 -10.03
N LEU F 48 10.09 -19.09 -10.08
CA LEU F 48 9.97 -18.21 -11.26
C LEU F 48 11.35 -17.63 -11.60
N LEU F 49 11.85 -17.90 -12.80
CA LEU F 49 13.04 -17.22 -13.33
C LEU F 49 12.57 -16.33 -14.49
N VAL F 50 12.78 -15.02 -14.42
CA VAL F 50 12.49 -14.19 -15.61
C VAL F 50 13.81 -13.95 -16.34
N VAL F 51 13.79 -14.24 -17.64
CA VAL F 51 14.99 -14.34 -18.51
C VAL F 51 15.10 -13.11 -19.41
N LYS F 52 14.03 -12.31 -19.61
CA LYS F 52 14.13 -11.01 -20.33
C LYS F 52 13.07 -10.03 -19.86
N GLY F 53 13.26 -8.76 -20.22
CA GLY F 53 12.33 -7.65 -19.93
C GLY F 53 12.65 -6.90 -18.63
N LYS F 54 11.59 -6.23 -18.13
CA LYS F 54 11.55 -5.32 -16.96
C LYS F 54 12.20 -5.98 -15.73
N PHE F 55 11.93 -7.28 -15.52
CA PHE F 55 12.26 -7.97 -14.25
C PHE F 55 13.39 -8.99 -14.41
N ALA F 56 14.09 -9.03 -15.55
CA ALA F 56 15.23 -9.95 -15.78
C ALA F 56 16.46 -9.48 -15.01
N ASN F 57 16.54 -8.17 -14.76
CA ASN F 57 17.65 -7.52 -14.03
C ASN F 57 17.07 -6.30 -13.28
N ILE F 58 16.44 -6.53 -12.12
CA ILE F 58 15.80 -5.46 -11.31
C ILE F 58 16.86 -4.41 -11.00
N ASN F 59 16.58 -3.15 -11.28
CA ASN F 59 17.43 -2.03 -10.80
C ASN F 59 16.51 -0.87 -10.40
N ASN F 60 16.15 -0.80 -9.12
CA ASN F 60 15.19 0.20 -8.59
C ASN F 60 15.93 1.51 -8.29
N GLU F 61 17.26 1.58 -8.49
CA GLU F 61 18.02 2.85 -8.44
C GLU F 61 17.68 3.62 -9.74
N THR F 62 17.74 2.92 -10.89
CA THR F 62 17.56 3.51 -12.24
C THR F 62 16.07 3.48 -12.60
N ASN F 63 15.30 2.55 -12.01
CA ASN F 63 13.83 2.44 -12.22
C ASN F 63 13.12 2.48 -10.87
N PRO F 64 13.03 3.66 -10.20
CA PRO F 64 12.46 3.74 -8.86
C PRO F 64 10.96 3.51 -8.75
N GLY F 65 10.19 3.68 -9.82
CA GLY F 65 8.72 3.58 -9.75
C GLY F 65 8.21 2.27 -9.16
N GLU F 66 6.95 2.23 -8.75
CA GLU F 66 6.35 1.12 -7.97
C GLU F 66 5.98 -0.03 -8.92
N ASP F 67 5.81 0.26 -10.21
CA ASP F 67 5.48 -0.74 -11.26
C ASP F 67 6.73 -1.59 -11.55
N TYR F 68 7.91 -1.18 -11.08
CA TYR F 68 9.20 -1.93 -11.22
C TYR F 68 9.54 -2.68 -9.92
N LYS F 69 8.63 -2.67 -8.92
CA LYS F 69 8.83 -3.27 -7.59
C LYS F 69 7.72 -4.29 -7.29
N LYS F 70 6.89 -4.64 -8.26
CA LYS F 70 5.87 -5.70 -8.09
C LYS F 70 5.39 -6.21 -9.43
N PHE F 71 4.80 -7.40 -9.42
CA PHE F 71 4.02 -7.95 -10.54
C PHE F 71 3.26 -9.17 -10.05
N SER F 72 2.36 -9.65 -10.89
CA SER F 72 1.45 -10.76 -10.61
C SER F 72 1.54 -11.78 -11.75
N VAL F 73 1.41 -13.07 -11.46
CA VAL F 73 1.34 -14.15 -12.47
C VAL F 73 0.08 -14.93 -12.14
N LYS F 74 -0.81 -15.11 -13.12
CA LYS F 74 -2.17 -15.70 -12.95
C LYS F 74 -2.26 -17.01 -13.76
N LEU F 75 -2.79 -18.06 -13.17
CA LEU F 75 -3.36 -19.22 -13.88
C LEU F 75 -4.89 -19.17 -13.78
N LEU F 76 -5.57 -19.07 -14.92
CA LEU F 76 -7.04 -19.03 -15.02
C LEU F 76 -7.51 -20.41 -15.46
N PHE F 77 -8.49 -21.01 -14.78
CA PHE F 77 -9.04 -22.34 -15.16
C PHE F 77 -10.54 -22.25 -15.42
N ASP F 78 -11.03 -23.07 -16.34
CA ASP F 78 -12.48 -23.21 -16.67
C ASP F 78 -13.11 -24.27 -15.76
N ALA F 79 -14.39 -24.52 -15.93
CA ALA F 79 -15.19 -25.49 -15.12
C ALA F 79 -14.52 -26.87 -15.10
N ASN F 80 -13.77 -27.24 -16.14
CA ASN F 80 -13.12 -28.58 -16.25
C ASN F 80 -11.66 -28.54 -15.79
N GLY F 81 -11.18 -27.39 -15.35
CA GLY F 81 -9.80 -27.25 -14.83
C GLY F 81 -8.80 -27.02 -15.94
N LYS F 82 -9.26 -26.74 -17.16
CA LYS F 82 -8.37 -26.42 -18.31
C LYS F 82 -7.89 -24.97 -18.17
N LEU F 83 -6.64 -24.73 -18.57
CA LEU F 83 -5.94 -23.42 -18.53
C LEU F 83 -6.57 -22.51 -19.58
N LEU F 84 -7.03 -21.32 -19.22
CA LEU F 84 -7.65 -20.36 -20.16
C LEU F 84 -6.59 -19.40 -20.71
N THR F 85 -6.90 -18.75 -21.83
CA THR F 85 -5.94 -18.02 -22.68
C THR F 85 -5.36 -16.79 -21.96
N GLY F 86 -6.16 -16.01 -21.22
CA GLY F 86 -5.62 -14.82 -20.53
C GLY F 86 -4.60 -15.18 -19.44
N SER F 87 -4.29 -16.47 -19.20
CA SER F 87 -3.31 -16.89 -18.16
C SER F 87 -1.93 -16.36 -18.54
N SER F 88 -1.12 -16.08 -17.53
CA SER F 88 0.32 -15.74 -17.66
C SER F 88 1.06 -16.95 -18.25
N LEU F 89 0.71 -18.16 -17.79
CA LEU F 89 1.33 -19.44 -18.21
C LEU F 89 0.78 -19.88 -19.57
N ASP F 90 1.65 -20.22 -20.51
CA ASP F 90 1.30 -20.87 -21.79
C ASP F 90 0.96 -22.36 -21.52
N GLY F 91 -0.01 -22.92 -22.22
CA GLY F 91 -0.60 -24.24 -21.94
C GLY F 91 0.10 -25.38 -22.66
N ASN F 92 1.10 -25.10 -23.49
CA ASN F 92 1.72 -26.11 -24.40
C ASN F 92 2.28 -27.27 -23.57
N TYR F 93 2.98 -26.93 -22.50
CA TYR F 93 3.66 -27.85 -21.57
C TYR F 93 3.08 -27.69 -20.17
N TRP F 94 1.80 -27.38 -20.06
CA TRP F 94 0.99 -27.46 -18.81
C TRP F 94 0.03 -28.64 -18.95
N ASN F 95 0.34 -29.75 -18.27
CA ASN F 95 -0.32 -31.04 -18.51
C ASN F 95 0.10 -32.03 -17.41
N TYR F 96 -0.61 -33.16 -17.35
CA TYR F 96 -0.26 -34.33 -16.51
C TYR F 96 1.13 -34.82 -16.89
N LYS F 97 1.85 -35.35 -15.90
CA LYS F 97 3.26 -35.80 -15.98
C LYS F 97 3.37 -37.08 -16.78
N ASN F 98 4.43 -37.17 -17.57
CA ASN F 98 4.96 -38.42 -18.17
C ASN F 98 6.48 -38.30 -18.24
N LYS F 99 7.19 -38.91 -17.28
CA LYS F 99 8.67 -39.07 -17.23
C LYS F 99 9.46 -37.79 -17.56
N ASP F 100 9.27 -36.71 -16.79
CA ASP F 100 10.05 -35.44 -16.87
C ASP F 100 9.47 -34.53 -17.96
N SER F 101 8.45 -35.00 -18.68
CA SER F 101 7.71 -34.25 -19.74
C SER F 101 6.21 -34.31 -19.43
N VAL F 102 5.39 -34.14 -20.48
CA VAL F 102 3.90 -34.17 -20.39
C VAL F 102 3.37 -35.36 -21.19
N ILE F 103 2.09 -35.71 -20.99
CA ILE F 103 1.34 -36.75 -21.78
C ILE F 103 1.18 -36.26 -23.23
N GLY F 104 0.98 -37.20 -24.17
CA GLY F 104 0.88 -37.01 -25.63
C GLY F 104 -0.17 -35.97 -26.05
N SER F 105 -1.30 -35.87 -25.34
CA SER F 105 -2.45 -34.98 -25.70
C SER F 105 -2.78 -34.04 -24.55
N PRO F 106 -3.35 -32.84 -24.80
CA PRO F 106 -3.84 -31.97 -23.73
C PRO F 106 -4.91 -32.67 -22.90
N TYR F 107 -4.93 -32.41 -21.59
CA TYR F 107 -5.88 -33.01 -20.63
C TYR F 107 -7.26 -32.42 -20.87
N GLU F 108 -8.28 -33.23 -20.63
CA GLU F 108 -9.70 -32.83 -20.75
C GLU F 108 -10.22 -32.32 -19.41
N ASN F 109 -9.77 -32.89 -18.29
CA ASN F 109 -10.31 -32.57 -16.93
C ASN F 109 -9.19 -32.59 -15.88
N ALA F 110 -9.13 -31.55 -15.05
CA ALA F 110 -8.21 -31.46 -13.89
C ALA F 110 -8.92 -30.76 -12.73
N VAL F 111 -10.23 -30.95 -12.61
CA VAL F 111 -11.07 -30.39 -11.51
C VAL F 111 -10.42 -30.76 -10.18
N PRO F 112 -10.03 -32.04 -9.95
CA PRO F 112 -9.46 -32.47 -8.68
C PRO F 112 -8.16 -31.74 -8.28
N PHE F 113 -7.58 -30.94 -9.18
CA PHE F 113 -6.36 -30.15 -8.89
C PHE F 113 -6.73 -28.70 -8.55
N MET F 114 -8.01 -28.37 -8.69
CA MET F 114 -8.46 -26.96 -8.61
C MET F 114 -8.64 -26.58 -7.15
N PRO F 115 -8.45 -25.30 -6.76
CA PRO F 115 -8.70 -24.87 -5.40
C PRO F 115 -10.20 -24.93 -5.09
N ASN F 116 -10.56 -25.60 -4.00
CA ASN F 116 -11.95 -25.85 -3.54
C ASN F 116 -12.77 -24.54 -3.56
N SER F 117 -13.93 -24.55 -4.25
CA SER F 117 -14.85 -23.38 -4.42
C SER F 117 -15.45 -22.95 -3.08
N THR F 118 -15.72 -23.93 -2.21
CA THR F 118 -16.35 -23.77 -0.89
C THR F 118 -15.34 -23.10 0.08
N ALA F 119 -14.09 -23.57 0.06
CA ALA F 119 -13.02 -23.09 0.95
C ALA F 119 -12.57 -21.71 0.45
N TYR F 120 -12.47 -21.57 -0.87
CA TYR F 120 -11.94 -20.38 -1.60
C TYR F 120 -12.99 -19.89 -2.58
N PRO F 121 -14.10 -19.27 -2.10
CA PRO F 121 -15.12 -18.71 -2.98
C PRO F 121 -14.64 -17.44 -3.72
N LYS F 122 -15.14 -17.22 -4.93
CA LYS F 122 -14.58 -16.23 -5.87
C LYS F 122 -14.72 -14.81 -5.30
N ILE F 123 -15.86 -14.47 -4.72
CA ILE F 123 -16.11 -13.06 -4.28
C ILE F 123 -16.54 -13.13 -2.83
N ILE F 124 -15.72 -12.62 -1.92
CA ILE F 124 -16.05 -12.39 -0.48
C ILE F 124 -16.41 -10.92 -0.27
N ASN F 125 -17.64 -10.72 0.23
CA ASN F 125 -18.28 -9.43 0.51
C ASN F 125 -19.35 -9.71 1.56
N ASN F 126 -18.99 -9.60 2.83
CA ASN F 126 -19.84 -10.01 3.98
C ASN F 126 -20.82 -8.89 4.31
N GLY F 127 -20.40 -7.65 4.07
CA GLY F 127 -21.15 -6.45 4.44
C GLY F 127 -21.93 -6.69 5.72
N THR F 128 -23.24 -6.58 5.60
CA THR F 128 -24.21 -6.55 6.73
C THR F 128 -24.43 -7.96 7.27
N ALA F 129 -23.82 -9.01 6.69
CA ALA F 129 -23.97 -10.43 7.08
C ALA F 129 -23.90 -10.59 8.61
N ASN F 130 -24.61 -11.56 9.17
CA ASN F 130 -24.42 -11.98 10.59
C ASN F 130 -23.03 -12.60 10.75
N PRO F 131 -22.36 -12.40 11.92
CA PRO F 131 -21.06 -12.99 12.19
C PRO F 131 -20.93 -14.46 11.76
N GLU F 132 -21.91 -15.29 12.11
CA GLU F 132 -21.88 -16.76 11.84
C GLU F 132 -21.79 -17.02 10.34
N ASP F 133 -22.26 -16.06 9.51
CA ASP F 133 -22.35 -16.21 8.03
C ASP F 133 -21.11 -15.62 7.34
N LYS F 134 -20.22 -14.97 8.10
CA LYS F 134 -19.01 -14.27 7.56
C LYS F 134 -18.05 -15.28 6.94
N LYS F 135 -17.47 -14.92 5.79
CA LYS F 135 -16.47 -15.72 5.06
C LYS F 135 -15.09 -15.09 5.25
N SER F 136 -14.04 -15.90 5.07
CA SER F 136 -12.62 -15.51 5.30
C SER F 136 -11.98 -15.03 3.99
N ALA F 137 -11.54 -13.78 3.96
CA ALA F 137 -10.75 -13.18 2.87
C ALA F 137 -9.34 -13.79 2.88
N ALA F 138 -8.77 -13.98 4.07
CA ALA F 138 -7.37 -14.40 4.29
C ALA F 138 -7.18 -15.87 3.91
N LYS F 139 -8.18 -16.71 4.15
CA LYS F 139 -8.10 -18.18 3.91
C LYS F 139 -7.70 -18.49 2.45
N LYS F 140 -8.15 -17.67 1.48
CA LYS F 140 -7.87 -17.80 0.03
C LYS F 140 -6.40 -17.43 -0.26
N THR F 141 -5.65 -17.11 0.78
CA THR F 141 -4.38 -16.38 0.70
C THR F 141 -3.29 -17.20 1.42
N ILE F 142 -2.11 -17.30 0.83
CA ILE F 142 -0.87 -17.71 1.56
C ILE F 142 0.11 -16.55 1.42
N VAL F 143 0.64 -16.04 2.53
CA VAL F 143 1.55 -14.88 2.54
C VAL F 143 2.86 -15.32 3.18
N THR F 144 3.94 -15.11 2.45
CA THR F 144 5.29 -15.60 2.82
C THR F 144 6.33 -14.77 2.06
N ASN F 145 7.60 -15.15 2.16
CA ASN F 145 8.67 -14.53 1.36
C ASN F 145 9.34 -15.62 0.54
N VAL F 146 9.70 -15.27 -0.70
CA VAL F 146 10.75 -16.03 -1.44
C VAL F 146 11.99 -15.13 -1.48
N TYR F 147 13.12 -15.66 -1.94
CA TYR F 147 14.42 -14.96 -1.88
C TYR F 147 15.08 -15.04 -3.25
N LEU F 148 15.42 -13.87 -3.80
CA LEU F 148 16.04 -13.75 -5.14
C LEU F 148 17.47 -14.29 -5.10
N GLY F 149 17.80 -15.18 -6.04
CA GLY F 149 19.13 -15.81 -6.18
C GLY F 149 19.38 -16.78 -5.04
N GLY F 150 18.33 -17.14 -4.29
CA GLY F 150 18.48 -17.93 -3.06
C GLY F 150 19.35 -17.20 -2.05
N ASP F 151 19.33 -15.87 -2.06
CA ASP F 151 20.08 -15.03 -1.08
C ASP F 151 19.09 -14.58 0.00
N ALA F 152 19.41 -14.86 1.26
CA ALA F 152 18.56 -14.55 2.44
C ALA F 152 18.39 -13.03 2.63
N GLY F 153 19.24 -12.21 2.01
CA GLY F 153 19.19 -10.74 2.13
C GLY F 153 18.39 -10.12 1.01
N GLN F 154 17.73 -10.91 0.16
CA GLN F 154 16.95 -10.40 -1.00
C GLN F 154 15.52 -10.92 -0.93
N PRO F 155 14.75 -10.56 0.12
CA PRO F 155 13.39 -11.06 0.27
C PRO F 155 12.41 -10.40 -0.71
N VAL F 156 11.39 -11.17 -1.10
CA VAL F 156 10.25 -10.76 -1.94
C VAL F 156 8.97 -11.24 -1.28
N ALA F 157 8.13 -10.32 -0.81
CA ALA F 157 6.80 -10.60 -0.24
C ALA F 157 6.02 -11.31 -1.33
N THR F 158 5.55 -12.53 -1.06
CA THR F 158 4.89 -13.44 -2.03
C THR F 158 3.52 -13.79 -1.47
N THR F 159 2.46 -13.58 -2.22
CA THR F 159 1.07 -13.94 -1.85
C THR F 159 0.58 -14.92 -2.91
N VAL F 160 0.27 -16.15 -2.50
CA VAL F 160 -0.47 -17.12 -3.34
C VAL F 160 -1.94 -16.93 -3.00
N SER F 161 -2.78 -16.67 -4.01
CA SER F 161 -4.23 -16.52 -3.83
C SER F 161 -4.95 -17.57 -4.64
N PHE F 162 -6.04 -18.13 -4.07
CA PHE F 162 -6.90 -19.14 -4.73
C PHE F 162 -8.23 -18.49 -5.12
N ASN F 163 -8.62 -18.64 -6.38
CA ASN F 163 -9.98 -18.31 -6.89
C ASN F 163 -10.24 -16.81 -6.67
N LYS F 164 -9.22 -15.98 -6.85
CA LYS F 164 -9.30 -14.50 -6.71
C LYS F 164 -9.67 -13.84 -8.05
N GLU F 165 -9.39 -14.53 -9.17
CA GLU F 165 -9.45 -13.94 -10.54
C GLU F 165 -10.85 -14.09 -11.14
N THR F 166 -11.21 -13.15 -12.03
CA THR F 166 -12.51 -13.13 -12.74
C THR F 166 -12.29 -13.17 -14.26
N GLU F 167 -11.04 -13.01 -14.71
CA GLU F 167 -10.69 -12.83 -16.13
C GLU F 167 -11.08 -14.06 -16.95
N SER F 168 -11.49 -13.88 -18.21
CA SER F 168 -11.91 -14.96 -19.13
C SER F 168 -13.02 -15.80 -18.51
N ASN F 169 -13.86 -15.21 -17.65
CA ASN F 169 -14.97 -15.88 -16.93
C ASN F 169 -14.46 -17.18 -16.31
N CYS F 170 -13.31 -17.13 -15.66
CA CYS F 170 -12.68 -18.33 -15.04
C CYS F 170 -13.55 -18.79 -13.86
N VAL F 171 -13.51 -20.08 -13.55
CA VAL F 171 -14.23 -20.68 -12.39
C VAL F 171 -13.25 -20.85 -11.23
N TYR F 172 -12.00 -21.18 -11.55
CA TYR F 172 -10.90 -21.36 -10.57
C TYR F 172 -9.70 -20.52 -11.02
N SER F 173 -8.79 -20.22 -10.10
CA SER F 173 -7.55 -19.48 -10.42
C SER F 173 -6.50 -19.72 -9.34
N ILE F 174 -5.23 -19.64 -9.72
CA ILE F 174 -4.08 -19.55 -8.79
C ILE F 174 -3.29 -18.32 -9.22
N THR F 175 -3.10 -17.37 -8.31
CA THR F 175 -2.38 -16.09 -8.55
C THR F 175 -1.14 -16.03 -7.65
N PHE F 176 0.00 -15.65 -8.22
CA PHE F 176 1.26 -15.37 -7.49
C PHE F 176 1.52 -13.86 -7.62
N ASP F 177 1.40 -13.15 -6.49
CA ASP F 177 1.73 -11.70 -6.42
C ASP F 177 3.10 -11.58 -5.75
N PHE F 178 4.02 -10.87 -6.38
CA PHE F 178 5.37 -10.62 -5.82
C PHE F 178 5.51 -9.11 -5.63
N ALA F 179 6.15 -8.69 -4.55
CA ALA F 179 6.40 -7.27 -4.25
C ALA F 179 7.58 -7.14 -3.27
N TRP F 180 8.30 -6.02 -3.37
CA TRP F 180 9.50 -5.77 -2.53
C TRP F 180 9.62 -4.28 -2.27
N ASN F 181 10.15 -3.90 -1.11
CA ASN F 181 10.40 -2.50 -0.68
C ASN F 181 11.90 -2.18 -0.82
N LYS F 182 12.78 -3.17 -0.69
CA LYS F 182 14.25 -3.01 -0.87
C LYS F 182 14.49 -2.41 -2.26
N THR F 183 15.51 -1.60 -2.43
CA THR F 183 15.85 -1.03 -3.76
C THR F 183 17.00 -1.90 -4.31
N TYR F 184 16.65 -2.96 -5.03
CA TYR F 184 17.61 -3.96 -5.57
C TYR F 184 18.38 -3.36 -6.75
N LYS F 185 19.69 -3.57 -6.80
CA LYS F 185 20.61 -3.05 -7.85
C LYS F 185 21.15 -4.21 -8.68
N ASN F 186 20.56 -4.43 -9.85
CA ASN F 186 20.95 -5.50 -10.82
C ASN F 186 20.82 -6.87 -10.14
N VAL F 187 19.58 -7.22 -9.79
CA VAL F 187 19.18 -8.53 -9.21
C VAL F 187 18.15 -9.17 -10.13
N PRO F 188 18.51 -10.23 -10.88
CA PRO F 188 17.52 -10.97 -11.65
C PRO F 188 16.41 -11.47 -10.72
N PHE F 189 15.15 -11.38 -11.17
CA PHE F 189 14.03 -12.08 -10.51
C PHE F 189 14.21 -13.57 -10.78
N ASP F 190 14.84 -14.23 -9.80
CA ASP F 190 15.09 -15.70 -9.77
C ASP F 190 14.70 -16.15 -8.37
N SER F 191 13.49 -16.61 -8.19
CA SER F 191 12.88 -16.88 -6.85
C SER F 191 13.33 -18.24 -6.33
N SER F 192 13.67 -18.32 -5.04
CA SER F 192 13.85 -19.60 -4.31
C SER F 192 12.53 -20.38 -4.40
N SER F 193 12.57 -21.70 -4.32
CA SER F 193 11.35 -22.55 -4.47
C SER F 193 10.49 -22.38 -3.22
N LEU F 194 9.18 -22.32 -3.42
CA LEU F 194 8.17 -22.16 -2.35
C LEU F 194 7.31 -23.40 -2.34
N THR F 195 7.29 -24.15 -1.24
CA THR F 195 6.31 -25.25 -0.99
C THR F 195 5.05 -24.62 -0.38
N PHE F 196 3.87 -25.04 -0.86
CA PHE F 196 2.55 -24.66 -0.28
C PHE F 196 1.54 -25.76 -0.60
N SER F 197 0.39 -25.73 0.05
CA SER F 197 -0.73 -26.65 -0.16
C SER F 197 -2.02 -25.84 -0.17
N TYR F 198 -3.05 -26.39 -0.79
CA TYR F 198 -4.43 -25.85 -0.75
C TYR F 198 -5.40 -27.02 -0.78
N ILE F 199 -6.61 -26.77 -0.29
CA ILE F 199 -7.70 -27.76 -0.26
C ILE F 199 -8.18 -27.94 -1.71
N ALA F 200 -8.33 -29.19 -2.15
CA ALA F 200 -8.70 -29.55 -3.53
C ALA F 200 -10.23 -29.55 -3.69
N GLN F 201 -10.69 -29.11 -4.86
CA GLN F 201 -12.07 -29.38 -5.35
C GLN F 201 -12.22 -30.90 -5.55
N ASP F 202 -13.37 -31.46 -5.23
CA ASP F 202 -13.71 -32.87 -5.56
C ASP F 202 -14.07 -32.98 -7.04
N ALA F 203 -13.80 -34.13 -7.66
CA ALA F 203 -14.42 -34.54 -8.96
C ALA F 203 -15.95 -34.51 -8.81
N GLU F 204 -16.66 -34.15 -9.88
CA GLU F 204 -18.14 -34.02 -9.87
C GLU F 204 -18.78 -35.42 -9.72
N ASP F 205 -19.97 -35.50 -9.10
CA ASP F 205 -20.70 -36.78 -8.87
C ASP F 205 -21.20 -37.27 -10.24
N LYS F 206 -20.86 -38.51 -10.62
CA LYS F 206 -20.90 -38.99 -12.02
C LYS F 206 -22.26 -39.66 -12.32
N ASN F 207 -22.83 -40.43 -11.40
CA ASN F 207 -23.85 -41.46 -11.74
C ASN F 207 -25.23 -40.81 -12.02
N GLU F 208 -25.96 -40.43 -10.97
CA GLU F 208 -27.36 -39.86 -11.00
C GLU F 208 -28.34 -40.83 -11.69
N GLU G . -3.73 52.97 -4.49
CA GLU G . -2.60 53.33 -5.41
C GLU G . -2.62 54.84 -5.67
O GLU G . -3.44 55.35 -6.44
CB GLU G . -2.72 52.54 -6.71
CG GLU G . -1.63 52.86 -7.73
CD GLU G . -2.01 52.56 -9.17
OE1 GLU G . -1.26 52.99 -10.08
OE2 GLU G . -3.06 51.91 -9.39
OXT GLU G . -1.82 55.59 -5.10
C1 EDO H . 12.23 22.00 -1.16
O1 EDO H . 11.78 20.80 -0.49
C2 EDO H . 12.99 23.00 -0.33
O2 EDO H . 13.52 24.18 -1.01
C1 EDO I . 12.31 -21.63 -11.48
O1 EDO I . 12.97 -20.60 -10.70
C2 EDO I . 12.41 -21.51 -12.97
O2 EDO I . 11.28 -22.06 -13.63
#